data_4II5
#
_entry.id   4II5
#
_cell.length_a   71.140
_cell.length_b   164.140
_cell.length_c   73.450
_cell.angle_alpha   90.00
_cell.angle_beta   107.04
_cell.angle_gamma   90.00
#
_symmetry.space_group_name_H-M   'P 1 21 1'
#
loop_
_entity.id
_entity.type
_entity.pdbx_description
1 polymer 'Cyclin-dependent kinase 2'
2 polymer Cyclin-A2
3 non-polymer "ADENOSINE-5'-DIPHOSPHATE"
4 non-polymer 'MAGNESIUM ION'
5 non-polymer GLYCEROL
6 water water
#
loop_
_entity_poly.entity_id
_entity_poly.type
_entity_poly.pdbx_seq_one_letter_code
_entity_poly.pdbx_strand_id
1 'polypeptide(L)'
;MENFQKVEKIGEGTYGVVYKARNKLTGEVVALKKIRLDTETEGVPSTAIREISLLKELNHPNIVKLLDVIHTENKLYLVF
EFLHQDLKKFMDASALTGIPLPLIKSYLFQLLQGLAFCHSHRVLHRDLKPQNLLINTEGAIKLADFGLARAFGVPVRTY
(TPO)HEVVTLWYRAPEILLGCKYYSTAVDIWSLGCIFAEMVTRRALFPGDSEIDQLFRIFRTLGTPDEVVWPGVTSMPD
YKPSFPKWARQDFSKVVPPLDEDGRSLLSQMLHYDPNKRISAKAALAHPFFQDVTKPVPHLRL
;
A,C
2 'polypeptide(L)'
;VPDYQEDIHTYLREMEVKCKPKVGYMKRQPDITNSMRAILVDWLVEVGEEYKLQNETLHLAVNYIDRFLSSMSVLRGKLQ
LVGTAAMLLASKFEEIYPPEVAEFVYITDDTYSKKQVLRMEHLVLKVLAFDLAAPTVNQFLTQYFLHLQPANCKVESLAM
FLGELSLIDADPYLKYLPSLIAGAAFHLALYTVTGQSWPESLAQQTGYTLESLKPCLVDLHQTYLKAPQHAQQSIREKYK
HSKYHSVSLLNPPETLSV
;
B,D
#
loop_
_chem_comp.id
_chem_comp.type
_chem_comp.name
_chem_comp.formula
ADP non-polymer ADENOSINE-5'-DIPHOSPHATE 'C10 H15 N5 O10 P2'
GOL non-polymer GLYCEROL 'C3 H8 O3'
MG non-polymer 'MAGNESIUM ION' 'Mg 2'
#
# COMPACT_ATOMS: atom_id res chain seq x y z
N MET A 1 6.82 43.10 -12.60
CA MET A 1 7.74 44.14 -12.09
C MET A 1 7.37 45.54 -12.61
N GLU A 2 8.22 46.52 -12.36
CA GLU A 2 7.82 47.92 -12.47
C GLU A 2 7.70 48.45 -13.90
N ASN A 3 8.20 47.73 -14.90
CA ASN A 3 8.13 48.23 -16.27
C ASN A 3 6.84 47.91 -17.04
N PHE A 4 5.88 47.22 -16.41
CA PHE A 4 4.60 46.96 -17.07
C PHE A 4 3.46 47.72 -16.40
N GLN A 5 2.71 48.49 -17.17
CA GLN A 5 1.45 49.03 -16.68
C GLN A 5 0.33 48.06 -17.04
N LYS A 6 -0.49 47.69 -16.06
CA LYS A 6 -1.64 46.83 -16.32
C LYS A 6 -2.76 47.65 -16.95
N VAL A 7 -3.17 47.26 -18.15
CA VAL A 7 -4.28 47.91 -18.84
C VAL A 7 -5.62 47.35 -18.37
N GLU A 8 -5.85 46.06 -18.57
CA GLU A 8 -7.08 45.42 -18.07
C GLU A 8 -6.89 43.94 -17.77
N LYS A 9 -7.84 43.35 -17.05
CA LYS A 9 -7.82 41.93 -16.78
C LYS A 9 -8.59 41.24 -17.89
N ILE A 10 -7.90 40.49 -18.75
CA ILE A 10 -8.55 39.82 -19.89
C ILE A 10 -8.86 38.35 -19.65
N GLY A 11 -8.46 37.81 -18.51
CA GLY A 11 -8.66 36.40 -18.24
C GLY A 11 -8.46 36.03 -16.79
N GLU A 12 -8.97 34.87 -16.42
CA GLU A 12 -8.80 34.35 -15.07
C GLU A 12 -8.79 32.83 -15.03
N GLY A 13 -8.04 32.31 -14.07
CA GLY A 13 -7.98 30.90 -13.77
C GLY A 13 -7.72 30.80 -12.28
N THR A 14 -7.78 29.60 -11.73
CA THR A 14 -7.44 29.44 -10.32
C THR A 14 -5.93 29.58 -10.17
N TYR A 15 -5.23 29.37 -11.27
CA TYR A 15 -3.80 29.51 -11.23
C TYR A 15 -3.41 30.94 -11.01
N GLY A 16 -4.11 31.83 -11.69
CA GLY A 16 -3.82 33.24 -11.57
C GLY A 16 -4.61 34.04 -12.57
N VAL A 17 -4.14 35.25 -12.86
CA VAL A 17 -4.87 36.17 -13.71
C VAL A 17 -4.08 36.42 -15.00
N VAL A 18 -4.78 36.83 -16.06
CA VAL A 18 -4.14 37.31 -17.28
C VAL A 18 -4.53 38.76 -17.54
N TYR A 19 -3.53 39.63 -17.68
CA TYR A 19 -3.77 41.06 -17.94
C TYR A 19 -3.25 41.43 -19.32
N LYS A 20 -3.95 42.34 -19.99
CA LYS A 20 -3.37 43.09 -21.09
C LYS A 20 -2.50 44.15 -20.43
N ALA A 21 -1.26 44.29 -20.88
CA ALA A 21 -0.32 45.20 -20.23
C ALA A 21 0.59 45.87 -21.24
N ARG A 22 1.19 46.97 -20.84
CA ARG A 22 2.03 47.76 -21.73
C ARG A 22 3.42 47.90 -21.09
N ASN A 23 4.45 47.59 -21.87
CA ASN A 23 5.82 47.88 -21.46
C ASN A 23 5.98 49.41 -21.46
N LYS A 24 6.35 49.96 -20.32
CA LYS A 24 6.43 51.41 -20.14
C LYS A 24 7.59 52.02 -20.93
N LEU A 25 8.68 51.26 -21.05
CA LEU A 25 9.87 51.72 -21.78
C LEU A 25 9.77 51.60 -23.31
N THR A 26 9.35 50.44 -23.82
CA THR A 26 9.27 50.21 -25.27
C THR A 26 7.89 50.44 -25.92
N GLY A 27 6.86 50.55 -25.09
CA GLY A 27 5.49 50.68 -25.59
C GLY A 27 4.83 49.39 -26.05
N GLU A 28 5.59 48.30 -26.07
CA GLU A 28 5.06 47.02 -26.53
C GLU A 28 3.87 46.52 -25.67
N VAL A 29 2.78 46.17 -26.34
CA VAL A 29 1.61 45.62 -25.67
C VAL A 29 1.78 44.10 -25.59
N VAL A 30 1.56 43.55 -24.39
CA VAL A 30 1.75 42.13 -24.13
C VAL A 30 0.53 41.56 -23.36
N ALA A 31 0.40 40.25 -23.34
CA ALA A 31 -0.48 39.60 -22.40
C ALA A 31 0.38 39.09 -21.26
N LEU A 32 -0.05 39.34 -20.04
CA LEU A 32 0.74 39.03 -18.86
C LEU A 32 0.01 37.99 -18.00
N LYS A 33 0.58 36.79 -17.89
CA LYS A 33 -0.04 35.69 -17.15
C LYS A 33 0.64 35.51 -15.80
N LYS A 34 -0.10 35.80 -14.73
CA LYS A 34 0.46 35.74 -13.39
C LYS A 34 0.12 34.40 -12.76
N ILE A 35 1.12 33.76 -12.16
CA ILE A 35 0.94 32.45 -11.56
C ILE A 35 1.40 32.50 -10.11
N ARG A 36 0.53 32.13 -9.18
CA ARG A 36 0.84 32.25 -7.76
C ARG A 36 1.68 31.10 -7.20
N LEU A 37 2.95 31.37 -6.91
CA LEU A 37 3.79 30.40 -6.21
C LEU A 37 3.52 30.40 -4.70
N ASP A 38 3.13 31.57 -4.18
CA ASP A 38 3.01 31.77 -2.73
C ASP A 38 1.94 30.89 -2.08
N THR A 39 0.85 30.65 -2.80
CA THR A 39 -0.19 29.75 -2.30
C THR A 39 0.21 28.32 -2.65
N GLU A 40 1.37 28.18 -3.27
CA GLU A 40 1.98 26.88 -3.54
C GLU A 40 3.07 26.57 -2.53
N THR A 41 2.80 25.61 -1.65
CA THR A 41 3.82 25.08 -0.76
C THR A 41 4.49 23.91 -1.48
N GLU A 42 4.07 23.69 -2.72
CA GLU A 42 4.66 22.69 -3.58
C GLU A 42 5.67 23.28 -4.58
N GLY A 43 5.89 24.59 -4.52
CA GLY A 43 6.81 25.23 -5.44
C GLY A 43 6.16 25.58 -6.75
N VAL A 44 6.92 25.53 -7.83
CA VAL A 44 6.40 25.87 -9.16
C VAL A 44 5.44 24.80 -9.67
N PRO A 45 4.19 25.18 -9.98
CA PRO A 45 3.20 24.19 -10.45
C PRO A 45 3.67 23.47 -11.72
N SER A 46 3.44 22.17 -11.80
CA SER A 46 3.87 21.37 -12.95
C SER A 46 3.19 21.86 -14.22
N THR A 47 2.01 22.43 -14.05
CA THR A 47 1.31 23.04 -15.18
C THR A 47 2.12 24.19 -15.80
N ALA A 48 2.76 25.00 -14.96
CA ALA A 48 3.60 26.11 -15.43
C ALA A 48 4.93 25.61 -15.99
N ILE A 49 5.51 24.60 -15.34
CA ILE A 49 6.76 23.99 -15.80
C ILE A 49 6.61 23.38 -17.21
N ARG A 50 5.47 22.74 -17.46
CA ARG A 50 5.21 22.18 -18.79
C ARG A 50 4.90 23.28 -19.81
N GLU A 51 4.07 24.24 -19.41
CA GLU A 51 3.67 25.33 -20.30
C GLU A 51 4.89 26.08 -20.82
N ILE A 52 5.81 26.43 -19.93
CA ILE A 52 7.00 27.18 -20.30
C ILE A 52 8.01 26.33 -21.10
N SER A 53 8.38 25.15 -20.60
CA SER A 53 9.39 24.34 -21.29
C SER A 53 8.96 23.94 -22.70
N LEU A 54 7.66 23.69 -22.87
CA LEU A 54 7.13 23.30 -24.17
C LEU A 54 6.93 24.48 -25.13
N LEU A 55 6.44 25.60 -24.62
CA LEU A 55 6.29 26.79 -25.46
C LEU A 55 7.64 27.28 -26.00
N LYS A 56 8.70 27.12 -25.22
CA LYS A 56 10.01 27.64 -25.63
C LYS A 56 10.52 26.89 -26.85
N GLU A 57 10.10 25.64 -27.00
CA GLU A 57 10.53 24.87 -28.16
C GLU A 57 9.61 25.01 -29.36
N LEU A 58 8.42 25.58 -29.17
CA LEU A 58 7.46 25.65 -30.26
C LEU A 58 7.43 27.05 -30.87
N ASN A 59 8.10 27.18 -32.01
CA ASN A 59 8.24 28.46 -32.65
C ASN A 59 7.61 28.37 -34.01
N HIS A 60 6.51 29.08 -34.21
CA HIS A 60 5.65 28.88 -35.38
C HIS A 60 4.64 30.00 -35.40
N PRO A 61 4.30 30.48 -36.62
CA PRO A 61 3.35 31.57 -36.87
C PRO A 61 1.96 31.35 -36.23
N ASN A 62 1.56 30.08 -36.13
CA ASN A 62 0.25 29.72 -35.60
C ASN A 62 0.23 29.25 -34.15
N ILE A 63 1.36 29.44 -33.46
CA ILE A 63 1.46 29.19 -32.04
C ILE A 63 1.83 30.49 -31.32
N VAL A 64 1.07 30.87 -30.30
CA VAL A 64 1.31 32.11 -29.56
C VAL A 64 2.77 32.16 -29.10
N LYS A 65 3.37 33.36 -29.10
CA LYS A 65 4.80 33.51 -28.76
C LYS A 65 4.99 33.84 -27.30
N LEU A 66 5.82 33.05 -26.61
CA LEU A 66 6.21 33.40 -25.27
C LEU A 66 7.41 34.34 -25.37
N LEU A 67 7.22 35.60 -24.94
CA LEU A 67 8.25 36.62 -25.03
C LEU A 67 9.25 36.57 -23.87
N ASP A 68 8.75 36.32 -22.67
CA ASP A 68 9.62 36.34 -21.50
C ASP A 68 9.03 35.54 -20.33
N VAL A 69 9.90 35.16 -19.39
CA VAL A 69 9.47 34.55 -18.13
C VAL A 69 10.16 35.29 -17.00
N ILE A 70 9.38 35.75 -16.03
CA ILE A 70 9.94 36.45 -14.88
C ILE A 70 9.66 35.64 -13.64
N HIS A 71 10.70 35.03 -13.07
CA HIS A 71 10.50 34.10 -11.96
C HIS A 71 11.08 34.69 -10.68
N THR A 72 10.19 35.11 -9.78
CA THR A 72 10.59 35.62 -8.48
C THR A 72 10.25 34.60 -7.40
N GLU A 73 10.46 34.95 -6.14
CA GLU A 73 10.09 34.07 -5.04
C GLU A 73 8.59 33.86 -4.95
N ASN A 74 7.84 34.96 -4.89
CA ASN A 74 6.40 34.88 -4.63
C ASN A 74 5.51 34.71 -5.86
N LYS A 75 6.06 34.94 -7.05
CA LYS A 75 5.24 34.94 -8.25
C LYS A 75 6.01 34.53 -9.50
N LEU A 76 5.26 34.09 -10.52
CA LEU A 76 5.81 33.70 -11.80
C LEU A 76 4.96 34.38 -12.89
N TYR A 77 5.60 35.17 -13.77
CA TYR A 77 4.87 35.84 -14.84
C TYR A 77 5.29 35.27 -16.18
N LEU A 78 4.32 34.92 -17.02
CA LEU A 78 4.61 34.62 -18.41
C LEU A 78 4.16 35.80 -19.23
N VAL A 79 5.05 36.27 -20.10
CA VAL A 79 4.75 37.40 -20.98
C VAL A 79 4.62 36.89 -22.41
N PHE A 80 3.45 37.11 -23.01
CA PHE A 80 3.13 36.64 -24.36
C PHE A 80 2.87 37.82 -25.29
N GLU A 81 3.01 37.60 -26.59
CA GLU A 81 2.57 38.59 -27.55
C GLU A 81 1.09 38.77 -27.33
N PHE A 82 0.59 39.99 -27.51
CA PHE A 82 -0.83 40.26 -27.34
C PHE A 82 -1.59 40.10 -28.66
N LEU A 83 -2.71 39.39 -28.63
CA LEU A 83 -3.55 39.27 -29.82
C LEU A 83 -4.94 39.84 -29.54
N HIS A 84 -5.61 40.32 -30.58
CA HIS A 84 -6.86 41.04 -30.42
C HIS A 84 -7.88 40.31 -29.52
N GLN A 85 -8.19 39.05 -29.82
CA GLN A 85 -9.10 38.30 -28.94
C GLN A 85 -9.10 36.79 -29.19
N ASP A 86 -9.78 36.05 -28.32
CA ASP A 86 -9.94 34.60 -28.50
C ASP A 86 -11.11 34.30 -29.44
N LEU A 87 -11.09 33.11 -30.04
CA LEU A 87 -12.07 32.71 -31.03
C LEU A 87 -13.49 32.59 -30.44
N LYS A 88 -13.61 32.35 -29.14
CA LYS A 88 -14.93 32.29 -28.52
C LYS A 88 -15.62 33.65 -28.62
N LYS A 89 -14.97 34.70 -28.14
CA LYS A 89 -15.49 36.07 -28.24
C LYS A 89 -15.83 36.41 -29.69
N PHE A 90 -14.98 36.01 -30.63
CA PHE A 90 -15.25 36.28 -32.04
C PHE A 90 -16.51 35.57 -32.51
N MET A 91 -16.68 34.32 -32.09
CA MET A 91 -17.83 33.49 -32.46
C MET A 91 -19.11 34.10 -31.90
N ASP A 92 -19.07 34.61 -30.67
CA ASP A 92 -20.23 35.24 -30.05
C ASP A 92 -20.61 36.50 -30.80
N ALA A 93 -19.60 37.24 -31.25
CA ALA A 93 -19.84 38.48 -31.97
C ALA A 93 -20.40 38.18 -33.36
N SER A 94 -20.10 36.98 -33.86
CA SER A 94 -20.52 36.54 -35.19
C SER A 94 -21.79 35.68 -35.15
N ALA A 95 -22.39 35.51 -33.97
CA ALA A 95 -23.51 34.59 -33.80
C ALA A 95 -24.68 34.93 -34.74
N LEU A 96 -24.93 36.21 -34.94
CA LEU A 96 -26.03 36.65 -35.81
C LEU A 96 -25.63 36.55 -37.28
N THR A 97 -24.44 37.05 -37.60
CA THR A 97 -23.99 37.16 -38.99
C THR A 97 -23.57 35.85 -39.62
N GLY A 98 -22.72 35.11 -38.92
CA GLY A 98 -22.07 33.94 -39.47
C GLY A 98 -20.67 34.31 -39.89
N ILE A 99 -19.75 33.36 -39.80
CA ILE A 99 -18.37 33.58 -40.21
C ILE A 99 -18.26 33.15 -41.67
N PRO A 100 -17.79 34.06 -42.53
CA PRO A 100 -17.69 33.76 -43.95
C PRO A 100 -16.91 32.48 -44.22
N LEU A 101 -17.37 31.71 -45.19
CA LEU A 101 -16.80 30.39 -45.46
C LEU A 101 -15.29 30.46 -45.73
N PRO A 102 -14.84 31.45 -46.51
CA PRO A 102 -13.39 31.57 -46.77
C PRO A 102 -12.58 31.82 -45.51
N LEU A 103 -13.18 32.44 -44.49
CA LEU A 103 -12.48 32.71 -43.23
C LEU A 103 -12.41 31.46 -42.33
N ILE A 104 -13.49 30.70 -42.30
CA ILE A 104 -13.53 29.44 -41.55
C ILE A 104 -12.48 28.49 -42.09
N LYS A 105 -12.33 28.45 -43.42
CA LYS A 105 -11.36 27.59 -44.06
C LYS A 105 -9.94 28.04 -43.77
N SER A 106 -9.74 29.36 -43.75
CA SER A 106 -8.44 29.92 -43.44
C SER A 106 -8.04 29.57 -42.01
N TYR A 107 -8.95 29.76 -41.06
CA TYR A 107 -8.70 29.51 -39.66
C TYR A 107 -8.43 28.02 -39.39
N LEU A 108 -9.17 27.14 -40.06
CA LEU A 108 -8.97 25.72 -39.85
C LEU A 108 -7.63 25.30 -40.43
N PHE A 109 -7.27 25.90 -41.56
CA PHE A 109 -6.01 25.58 -42.22
C PHE A 109 -4.84 25.96 -41.34
N GLN A 110 -4.97 27.11 -40.68
CA GLN A 110 -3.92 27.65 -39.82
C GLN A 110 -3.80 26.86 -38.52
N LEU A 111 -4.94 26.57 -37.91
CA LEU A 111 -4.97 25.74 -36.71
C LEU A 111 -4.32 24.38 -36.99
N LEU A 112 -4.62 23.79 -38.15
CA LEU A 112 -4.03 22.52 -38.55
C LEU A 112 -2.51 22.63 -38.73
N GLN A 113 -2.02 23.78 -39.20
CA GLN A 113 -0.58 23.96 -39.37
C GLN A 113 0.14 24.09 -38.03
N GLY A 114 -0.46 24.81 -37.09
CA GLY A 114 0.08 24.88 -35.74
C GLY A 114 0.08 23.54 -35.02
N LEU A 115 -1.00 22.78 -35.20
CA LEU A 115 -1.14 21.49 -34.53
C LEU A 115 -0.18 20.46 -35.13
N ALA A 116 0.00 20.48 -36.45
CA ALA A 116 0.93 19.54 -37.09
C ALA A 116 2.35 19.79 -36.61
N PHE A 117 2.66 21.06 -36.36
CA PHE A 117 3.95 21.45 -35.82
C PHE A 117 4.11 20.91 -34.40
N CYS A 118 3.10 21.11 -33.55
CA CYS A 118 3.10 20.55 -32.20
C CYS A 118 3.41 19.06 -32.24
N HIS A 119 2.67 18.34 -33.07
CA HIS A 119 2.77 16.89 -33.12
C HIS A 119 4.12 16.41 -33.66
N SER A 120 4.66 17.12 -34.65
CA SER A 120 5.99 16.80 -35.19
C SER A 120 7.09 17.04 -34.16
N HIS A 121 6.79 17.89 -33.19
CA HIS A 121 7.66 18.17 -32.07
C HIS A 121 7.31 17.40 -30.80
N ARG A 122 6.45 16.39 -30.94
CA ARG A 122 6.08 15.49 -29.85
C ARG A 122 5.44 16.20 -28.66
N VAL A 123 4.58 17.17 -28.98
CA VAL A 123 3.72 17.81 -27.97
C VAL A 123 2.23 17.57 -28.26
N LEU A 124 1.50 17.10 -27.25
CA LEU A 124 0.03 17.05 -27.26
C LEU A 124 -0.47 18.32 -26.63
N HIS A 125 -1.45 18.97 -27.25
CA HIS A 125 -2.03 20.16 -26.66
C HIS A 125 -3.00 19.84 -25.54
N ARG A 126 -4.04 19.07 -25.84
CA ARG A 126 -5.01 18.58 -24.88
C ARG A 126 -6.00 19.55 -24.27
N ASP A 127 -6.03 20.79 -24.73
CA ASP A 127 -7.06 21.70 -24.37
C ASP A 127 -7.52 22.59 -25.48
N LEU A 128 -7.57 22.06 -26.68
CA LEU A 128 -8.04 22.82 -27.80
C LEU A 128 -9.51 23.14 -27.71
N LYS A 129 -9.84 24.37 -27.40
CA LYS A 129 -11.21 24.88 -27.37
C LYS A 129 -11.18 26.36 -27.82
N PRO A 130 -12.32 26.92 -28.27
CA PRO A 130 -12.28 28.26 -28.84
C PRO A 130 -11.65 29.33 -27.95
N GLN A 131 -11.82 29.30 -26.63
CA GLN A 131 -11.22 30.35 -25.81
C GLN A 131 -9.69 30.25 -25.70
N ASN A 132 -9.13 29.10 -26.05
CA ASN A 132 -7.68 28.92 -26.08
C ASN A 132 -7.08 29.16 -27.45
N LEU A 133 -7.89 29.67 -28.37
CA LEU A 133 -7.40 29.99 -29.71
C LEU A 133 -7.45 31.52 -29.90
N LEU A 134 -6.36 32.11 -30.39
CA LEU A 134 -6.26 33.57 -30.45
C LEU A 134 -6.19 34.09 -31.90
N ILE A 135 -6.99 35.12 -32.19
CA ILE A 135 -6.97 35.79 -33.49
C ILE A 135 -6.47 37.25 -33.41
N ASN A 136 -5.73 37.67 -34.43
CA ASN A 136 -5.32 39.07 -34.57
C ASN A 136 -6.16 39.76 -35.64
N THR A 137 -5.87 41.03 -35.92
CA THR A 137 -6.68 41.82 -36.86
C THR A 137 -6.34 41.56 -38.33
N GLU A 138 -5.22 40.90 -38.59
CA GLU A 138 -4.79 40.64 -39.97
C GLU A 138 -5.22 39.30 -40.54
N GLY A 139 -6.03 38.56 -39.79
CA GLY A 139 -6.55 37.27 -40.27
C GLY A 139 -5.81 36.04 -39.81
N ALA A 140 -4.83 36.21 -38.91
CA ALA A 140 -4.13 35.07 -38.30
C ALA A 140 -4.86 34.48 -37.08
N ILE A 141 -4.71 33.17 -36.87
CA ILE A 141 -5.19 32.51 -35.65
C ILE A 141 -4.06 31.64 -35.09
N LYS A 142 -3.96 31.56 -33.77
CA LYS A 142 -2.84 30.82 -33.14
C LYS A 142 -3.29 29.97 -31.97
N LEU A 143 -2.65 28.82 -31.79
CA LEU A 143 -2.90 27.98 -30.62
C LEU A 143 -2.35 28.69 -29.39
N ALA A 144 -3.07 28.67 -28.31
CA ALA A 144 -2.63 29.20 -27.06
C ALA A 144 -2.98 28.26 -25.90
N ASP A 145 -2.72 28.69 -24.70
CA ASP A 145 -2.91 27.94 -23.47
C ASP A 145 -2.38 26.52 -23.48
N PHE A 146 -1.08 26.40 -23.35
CA PHE A 146 -0.40 25.13 -23.31
C PHE A 146 -0.28 24.58 -21.88
N GLY A 147 -1.03 25.12 -20.96
CA GLY A 147 -1.04 24.65 -19.58
C GLY A 147 -1.34 23.16 -19.37
N LEU A 148 -2.12 22.58 -20.27
CA LEU A 148 -2.42 21.14 -20.21
C LEU A 148 -1.55 20.31 -21.15
N ALA A 149 -0.62 20.94 -21.84
CA ALA A 149 0.16 20.23 -22.85
C ALA A 149 1.15 19.23 -22.23
N ARG A 150 1.60 18.29 -23.04
CA ARG A 150 2.50 17.24 -22.60
C ARG A 150 3.43 16.81 -23.72
N ALA A 151 4.69 16.54 -23.41
CA ALA A 151 5.59 15.90 -24.37
C ALA A 151 5.29 14.41 -24.36
N PHE A 152 5.16 13.79 -25.53
CA PHE A 152 4.78 12.37 -25.57
C PHE A 152 5.88 11.50 -26.18
N GLY A 153 5.87 10.21 -25.84
CA GLY A 153 6.87 9.30 -26.37
C GLY A 153 6.33 8.52 -27.54
N VAL A 154 7.23 7.94 -28.31
CA VAL A 154 6.86 7.07 -29.41
C VAL A 154 7.33 5.64 -29.08
N PRO A 155 6.37 4.73 -28.77
CA PRO A 155 4.93 4.99 -28.68
C PRO A 155 4.53 5.55 -27.32
N VAL A 156 3.26 5.90 -27.17
CA VAL A 156 2.78 6.60 -25.98
C VAL A 156 2.61 5.68 -24.78
N ARG A 157 2.68 6.21 -23.57
CA ARG A 157 2.26 5.46 -22.40
C ARG A 157 0.88 5.94 -21.98
N THR A 158 0.39 5.48 -20.86
CA THR A 158 -0.75 6.09 -20.26
C THR A 158 -0.46 7.46 -19.66
N TYR A 159 -1.20 8.44 -20.13
CA TYR A 159 -1.11 9.77 -19.55
C TYR A 159 -2.40 10.10 -18.81
N TPO A 160 -2.44 11.32 -18.27
CA TPO A 160 -3.50 11.76 -17.38
CB TPO A 160 -3.31 13.23 -17.07
CG2 TPO A 160 -4.50 13.75 -16.27
OG1 TPO A 160 -2.13 13.47 -16.37
P TPO A 160 -0.96 14.31 -17.03
O1P TPO A 160 0.28 14.28 -16.15
O2P TPO A 160 -0.61 13.71 -18.36
O3P TPO A 160 -1.43 15.72 -17.18
C TPO A 160 -4.87 11.54 -17.94
O TPO A 160 -5.14 11.93 -19.12
N HIS A 161 -5.76 10.94 -17.15
CA HIS A 161 -7.10 10.67 -17.65
C HIS A 161 -7.92 11.95 -17.81
N GLU A 162 -7.78 12.89 -16.88
CA GLU A 162 -8.63 14.07 -16.91
C GLU A 162 -7.91 15.17 -17.70
N VAL A 163 -8.35 15.31 -18.94
CA VAL A 163 -7.80 16.19 -19.94
C VAL A 163 -8.91 16.51 -20.93
N VAL A 164 -8.85 17.70 -21.47
CA VAL A 164 -9.78 18.24 -22.46
C VAL A 164 -11.10 18.62 -21.89
N THR A 165 -11.48 19.78 -22.22
CA THR A 165 -12.76 20.34 -21.75
C THR A 165 -13.89 19.47 -22.30
N LEU A 166 -14.90 19.21 -21.48
CA LEU A 166 -15.90 18.18 -21.78
C LEU A 166 -16.46 18.22 -23.22
N TRP A 167 -16.91 19.39 -23.67
CA TRP A 167 -17.52 19.49 -25.00
C TRP A 167 -16.58 19.07 -26.14
N TYR A 168 -15.28 19.22 -25.91
CA TYR A 168 -14.27 18.97 -26.93
C TYR A 168 -13.56 17.63 -26.79
N ARG A 169 -13.98 16.87 -25.78
CA ARG A 169 -13.28 15.65 -25.36
C ARG A 169 -13.59 14.46 -26.26
N ALA A 170 -12.53 13.77 -26.70
CA ALA A 170 -12.65 12.65 -27.64
C ALA A 170 -13.28 11.41 -26.99
N PRO A 171 -13.91 10.54 -27.82
CA PRO A 171 -14.62 9.38 -27.26
C PRO A 171 -13.70 8.36 -26.59
N GLU A 172 -12.47 8.21 -27.09
CA GLU A 172 -11.56 7.23 -26.50
C GLU A 172 -11.18 7.64 -25.08
N ILE A 173 -11.24 8.93 -24.77
CA ILE A 173 -11.00 9.39 -23.41
C ILE A 173 -12.23 9.16 -22.52
N LEU A 174 -13.42 9.46 -23.03
CA LEU A 174 -14.66 9.25 -22.29
C LEU A 174 -14.87 7.78 -21.96
N LEU A 175 -14.45 6.90 -22.87
CA LEU A 175 -14.61 5.46 -22.70
C LEU A 175 -13.43 4.87 -21.91
N GLY A 176 -12.50 5.74 -21.52
CA GLY A 176 -11.47 5.40 -20.54
C GLY A 176 -10.28 4.60 -21.07
N CYS A 177 -9.96 4.75 -22.36
CA CYS A 177 -8.78 4.10 -22.92
C CYS A 177 -7.57 4.50 -22.07
N LYS A 178 -6.68 3.56 -21.81
CA LYS A 178 -5.48 3.86 -21.03
C LYS A 178 -4.49 4.65 -21.90
N TYR A 179 -4.48 4.35 -23.19
CA TYR A 179 -3.61 5.04 -24.15
C TYR A 179 -4.41 5.99 -25.05
N TYR A 180 -3.93 7.22 -25.15
CA TYR A 180 -4.40 8.17 -26.17
C TYR A 180 -3.22 9.02 -26.68
N SER A 181 -3.42 9.64 -27.80
CA SER A 181 -2.41 10.35 -28.50
C SER A 181 -2.89 11.60 -29.24
N THR A 182 -2.25 11.87 -30.35
CA THR A 182 -2.46 13.06 -31.11
C THR A 182 -3.90 13.20 -31.59
N ALA A 183 -4.54 12.08 -31.87
CA ALA A 183 -5.91 12.07 -32.29
C ALA A 183 -6.85 12.81 -31.41
N VAL A 184 -6.58 12.96 -30.14
CA VAL A 184 -7.51 13.71 -29.30
C VAL A 184 -7.53 15.18 -29.69
N ASP A 185 -6.42 15.67 -30.22
CA ASP A 185 -6.34 17.07 -30.66
C ASP A 185 -7.10 17.26 -31.97
N ILE A 186 -6.99 16.29 -32.86
CA ILE A 186 -7.74 16.32 -34.12
C ILE A 186 -9.25 16.30 -33.84
N TRP A 187 -9.70 15.46 -32.90
CA TRP A 187 -11.12 15.45 -32.52
C TRP A 187 -11.61 16.84 -32.06
N SER A 188 -10.84 17.52 -31.20
CA SER A 188 -11.22 18.84 -30.70
C SER A 188 -11.34 19.86 -31.81
N LEU A 189 -10.41 19.83 -32.77
CA LEU A 189 -10.47 20.72 -33.91
C LEU A 189 -11.68 20.41 -34.79
N GLY A 190 -12.00 19.12 -34.96
CA GLY A 190 -13.20 18.73 -35.67
C GLY A 190 -14.41 19.40 -35.06
N CYS A 191 -14.52 19.37 -33.73
CA CYS A 191 -15.65 19.98 -33.02
C CYS A 191 -15.67 21.48 -33.22
N ILE A 192 -14.48 22.09 -33.27
CA ILE A 192 -14.37 23.54 -33.41
C ILE A 192 -14.73 23.96 -34.84
N PHE A 193 -14.31 23.16 -35.81
CA PHE A 193 -14.67 23.33 -37.21
C PHE A 193 -16.20 23.37 -37.37
N ALA A 194 -16.88 22.37 -36.82
CA ALA A 194 -18.33 22.30 -36.91
C ALA A 194 -18.95 23.50 -36.22
N GLU A 195 -18.36 23.92 -35.10
CA GLU A 195 -18.92 25.00 -34.30
C GLU A 195 -18.84 26.33 -35.07
N MET A 196 -17.79 26.53 -35.85
CA MET A 196 -17.65 27.72 -36.67
C MET A 196 -18.72 27.72 -37.75
N VAL A 197 -18.92 26.57 -38.39
CA VAL A 197 -19.87 26.46 -39.50
C VAL A 197 -21.30 26.71 -39.03
N THR A 198 -21.71 26.08 -37.94
CA THR A 198 -23.10 26.15 -37.49
C THR A 198 -23.37 27.20 -36.42
N ARG A 199 -22.34 27.90 -35.95
CA ARG A 199 -22.51 28.86 -34.88
C ARG A 199 -23.05 28.23 -33.60
N ARG A 200 -22.79 26.95 -33.39
CA ARG A 200 -23.24 26.26 -32.18
C ARG A 200 -22.29 25.14 -31.80
N ALA A 201 -22.06 24.96 -30.50
CA ALA A 201 -21.28 23.82 -30.02
C ALA A 201 -21.86 22.53 -30.59
N LEU A 202 -21.01 21.68 -31.17
CA LEU A 202 -21.49 20.44 -31.78
C LEU A 202 -22.02 19.43 -30.75
N PHE A 203 -21.29 19.24 -29.65
CA PHE A 203 -21.67 18.27 -28.63
C PHE A 203 -21.62 18.91 -27.25
N PRO A 204 -22.64 19.70 -26.91
CA PRO A 204 -22.65 20.43 -25.63
C PRO A 204 -23.10 19.59 -24.42
N GLY A 205 -22.34 18.57 -24.05
CA GLY A 205 -22.68 17.71 -22.94
C GLY A 205 -22.60 18.38 -21.58
N ASP A 206 -23.55 18.05 -20.70
CA ASP A 206 -23.54 18.51 -19.32
C ASP A 206 -23.01 17.45 -18.34
N SER A 207 -22.58 16.31 -18.86
CA SER A 207 -21.87 15.30 -18.06
C SER A 207 -21.15 14.34 -19.00
N GLU A 208 -20.40 13.40 -18.44
CA GLU A 208 -19.61 12.48 -19.26
C GLU A 208 -20.52 11.54 -20.06
N ILE A 209 -21.55 11.00 -19.42
CA ILE A 209 -22.46 10.11 -20.11
C ILE A 209 -23.30 10.90 -21.12
N ASP A 210 -23.72 12.09 -20.74
CA ASP A 210 -24.45 12.96 -21.67
C ASP A 210 -23.61 13.32 -22.88
N GLN A 211 -22.33 13.59 -22.64
CA GLN A 211 -21.39 13.93 -23.71
C GLN A 211 -21.32 12.76 -24.68
N LEU A 212 -21.15 11.57 -24.12
CA LEU A 212 -21.04 10.33 -24.89
C LEU A 212 -22.27 10.10 -25.76
N PHE A 213 -23.45 10.29 -25.18
CA PHE A 213 -24.71 10.01 -25.88
C PHE A 213 -24.94 11.05 -26.98
N ARG A 214 -24.58 12.30 -26.72
CA ARG A 214 -24.70 13.32 -27.75
C ARG A 214 -23.84 12.93 -28.94
N ILE A 215 -22.63 12.44 -28.68
CA ILE A 215 -21.79 11.97 -29.77
C ILE A 215 -22.43 10.79 -30.52
N PHE A 216 -22.93 9.79 -29.78
CA PHE A 216 -23.54 8.60 -30.40
C PHE A 216 -24.73 8.97 -31.26
N ARG A 217 -25.53 9.92 -30.78
CA ARG A 217 -26.77 10.26 -31.44
C ARG A 217 -26.49 10.91 -32.78
N THR A 218 -25.36 11.61 -32.87
CA THR A 218 -24.95 12.22 -34.12
C THR A 218 -24.16 11.31 -35.07
N LEU A 219 -23.19 10.58 -34.53
CA LEU A 219 -22.29 9.81 -35.37
C LEU A 219 -22.66 8.34 -35.44
N GLY A 220 -23.70 7.97 -34.68
CA GLY A 220 -24.10 6.59 -34.52
C GLY A 220 -23.34 5.94 -33.38
N THR A 221 -23.96 4.97 -32.71
CA THR A 221 -23.27 4.26 -31.65
C THR A 221 -22.21 3.35 -32.27
N PRO A 222 -20.96 3.47 -31.81
CA PRO A 222 -19.88 2.68 -32.43
C PRO A 222 -19.95 1.21 -32.08
N ASP A 223 -19.64 0.35 -33.05
CA ASP A 223 -19.62 -1.09 -32.80
C ASP A 223 -18.26 -1.59 -33.18
N GLU A 224 -18.06 -2.90 -33.06
CA GLU A 224 -16.76 -3.50 -33.29
C GLU A 224 -16.32 -3.45 -34.74
N VAL A 225 -17.25 -3.19 -35.65
CA VAL A 225 -16.89 -3.05 -37.06
C VAL A 225 -16.27 -1.70 -37.37
N VAL A 226 -16.87 -0.60 -36.90
CA VAL A 226 -16.32 0.74 -37.16
C VAL A 226 -15.18 1.07 -36.20
N TRP A 227 -15.19 0.46 -35.02
CA TRP A 227 -14.16 0.72 -34.01
C TRP A 227 -13.74 -0.56 -33.29
N PRO A 228 -12.89 -1.36 -33.94
CA PRO A 228 -12.46 -2.60 -33.31
C PRO A 228 -11.91 -2.36 -31.90
N GLY A 229 -12.39 -3.14 -30.94
CA GLY A 229 -11.93 -3.01 -29.56
C GLY A 229 -12.82 -2.16 -28.68
N VAL A 230 -13.78 -1.46 -29.27
CA VAL A 230 -14.56 -0.49 -28.51
C VAL A 230 -15.37 -1.14 -27.38
N THR A 231 -16.00 -2.29 -27.65
CA THR A 231 -16.82 -2.94 -26.63
C THR A 231 -15.98 -3.51 -25.49
N SER A 232 -14.66 -3.52 -25.67
CA SER A 232 -13.75 -4.01 -24.63
C SER A 232 -13.19 -2.90 -23.76
N MET A 233 -13.62 -1.66 -24.00
CA MET A 233 -13.07 -0.51 -23.30
C MET A 233 -13.66 -0.36 -21.90
N PRO A 234 -12.86 0.19 -20.97
CA PRO A 234 -13.20 0.16 -19.54
C PRO A 234 -14.55 0.76 -19.20
N ASP A 235 -14.92 1.88 -19.79
CA ASP A 235 -16.21 2.52 -19.50
C ASP A 235 -17.31 2.23 -20.52
N TYR A 236 -17.03 1.39 -21.51
CA TYR A 236 -18.05 0.94 -22.44
C TYR A 236 -19.07 0.06 -21.70
N LYS A 237 -20.35 0.20 -22.05
CA LYS A 237 -21.38 -0.71 -21.53
C LYS A 237 -22.20 -1.25 -22.70
N PRO A 238 -22.48 -2.57 -22.69
CA PRO A 238 -23.25 -3.14 -23.80
C PRO A 238 -24.70 -2.63 -23.79
N SER A 239 -25.13 -2.04 -22.69
CA SER A 239 -26.49 -1.53 -22.57
C SER A 239 -26.68 -0.13 -23.19
N PHE A 240 -25.62 0.45 -23.73
CA PHE A 240 -25.71 1.75 -24.42
C PHE A 240 -26.77 1.68 -25.53
N PRO A 241 -27.64 2.68 -25.63
CA PRO A 241 -28.58 2.64 -26.76
C PRO A 241 -27.82 2.64 -28.08
N LYS A 242 -28.36 1.94 -29.08
CA LYS A 242 -27.75 1.92 -30.40
C LYS A 242 -28.50 2.91 -31.29
N TRP A 243 -27.84 4.00 -31.66
CA TRP A 243 -28.41 5.02 -32.52
C TRP A 243 -27.74 4.90 -33.88
N ALA A 244 -28.43 5.37 -34.90
CA ALA A 244 -27.88 5.33 -36.25
C ALA A 244 -27.22 6.65 -36.57
N ARG A 245 -26.14 6.58 -37.35
CA ARG A 245 -25.45 7.79 -37.78
C ARG A 245 -26.38 8.71 -38.60
N GLN A 246 -26.42 9.99 -38.23
CA GLN A 246 -27.16 11.00 -39.00
C GLN A 246 -26.41 11.36 -40.28
N ASP A 247 -27.12 11.92 -41.25
CA ASP A 247 -26.48 12.41 -42.46
C ASP A 247 -25.90 13.79 -42.20
N PHE A 248 -24.71 14.04 -42.71
CA PHE A 248 -24.02 15.29 -42.41
C PHE A 248 -24.73 16.50 -42.99
N SER A 249 -25.62 16.28 -43.95
CA SER A 249 -26.44 17.37 -44.46
C SER A 249 -27.33 17.88 -43.33
N LYS A 250 -27.63 16.99 -42.39
CA LYS A 250 -28.40 17.35 -41.20
C LYS A 250 -27.51 18.05 -40.17
N VAL A 251 -26.28 17.57 -40.04
CA VAL A 251 -25.38 18.05 -38.99
C VAL A 251 -24.70 19.39 -39.27
N VAL A 252 -24.13 19.54 -40.45
CA VAL A 252 -23.48 20.79 -40.88
C VAL A 252 -24.09 21.25 -42.20
N PRO A 253 -25.30 21.83 -42.15
CA PRO A 253 -26.00 22.19 -43.39
C PRO A 253 -25.17 23.06 -44.35
N PRO A 254 -24.50 24.11 -43.86
CA PRO A 254 -23.73 24.99 -44.76
C PRO A 254 -22.52 24.36 -45.48
N LEU A 255 -22.03 23.21 -45.03
CA LEU A 255 -20.78 22.64 -45.57
C LEU A 255 -20.94 21.95 -46.94
N ASP A 256 -20.01 22.25 -47.85
CA ASP A 256 -19.94 21.58 -49.16
C ASP A 256 -19.46 20.13 -48.99
N GLU A 257 -19.32 19.40 -50.09
CA GLU A 257 -18.98 17.99 -50.02
C GLU A 257 -17.56 17.76 -49.50
N ASP A 258 -16.63 18.63 -49.87
CA ASP A 258 -15.25 18.51 -49.41
C ASP A 258 -15.17 18.79 -47.92
N GLY A 259 -15.94 19.75 -47.44
CA GLY A 259 -15.93 20.13 -46.04
C GLY A 259 -16.47 19.01 -45.18
N ARG A 260 -17.55 18.40 -45.64
CA ARG A 260 -18.19 17.29 -44.93
C ARG A 260 -17.24 16.10 -44.88
N SER A 261 -16.49 15.87 -45.95
CA SER A 261 -15.55 14.75 -46.04
C SER A 261 -14.43 14.91 -45.03
N LEU A 262 -13.87 16.11 -44.95
CA LEU A 262 -12.81 16.39 -44.00
C LEU A 262 -13.33 16.27 -42.56
N LEU A 263 -14.47 16.86 -42.26
CA LEU A 263 -14.99 16.85 -40.90
C LEU A 263 -15.21 15.43 -40.42
N SER A 264 -15.71 14.58 -41.30
CA SER A 264 -16.02 13.21 -40.91
C SER A 264 -14.73 12.43 -40.65
N GLN A 265 -13.67 12.74 -41.37
CA GLN A 265 -12.38 12.09 -41.11
C GLN A 265 -11.74 12.58 -39.80
N MET A 266 -12.03 13.81 -39.40
CA MET A 266 -11.57 14.35 -38.12
C MET A 266 -12.40 13.83 -36.95
N LEU A 267 -13.62 13.39 -37.23
CA LEU A 267 -14.50 12.80 -36.22
C LEU A 267 -14.57 11.27 -36.25
N HIS A 268 -13.72 10.63 -37.06
CA HIS A 268 -13.67 9.17 -37.09
C HIS A 268 -13.56 8.63 -35.65
N TYR A 269 -14.30 7.57 -35.35
CA TYR A 269 -14.32 6.99 -33.99
C TYR A 269 -12.98 6.37 -33.59
N ASP A 270 -12.43 5.52 -34.46
CA ASP A 270 -11.22 4.79 -34.18
C ASP A 270 -10.02 5.75 -34.25
N PRO A 271 -9.37 6.01 -33.09
CA PRO A 271 -8.27 6.98 -33.12
C PRO A 271 -7.21 6.63 -34.16
N ASN A 272 -7.04 5.34 -34.44
CA ASN A 272 -6.01 4.91 -35.39
C ASN A 272 -6.31 5.29 -36.82
N LYS A 273 -7.60 5.38 -37.16
CA LYS A 273 -8.01 5.76 -38.50
C LYS A 273 -8.33 7.25 -38.62
N ARG A 274 -8.41 7.95 -37.49
CA ARG A 274 -8.75 9.36 -37.51
C ARG A 274 -7.66 10.13 -38.25
N ILE A 275 -8.04 11.11 -39.06
CA ILE A 275 -7.09 11.84 -39.89
C ILE A 275 -6.06 12.60 -39.02
N SER A 276 -4.80 12.59 -39.47
CA SER A 276 -3.73 13.36 -38.83
C SER A 276 -3.76 14.81 -39.32
N ALA A 277 -3.19 15.74 -38.53
CA ALA A 277 -3.08 17.13 -38.94
C ALA A 277 -2.37 17.28 -40.30
N LYS A 278 -1.29 16.53 -40.51
CA LYS A 278 -0.53 16.60 -41.78
C LYS A 278 -1.38 16.25 -42.97
N ALA A 279 -2.11 15.14 -42.83
CA ALA A 279 -2.97 14.68 -43.91
C ALA A 279 -4.15 15.63 -44.14
N ALA A 280 -4.64 16.27 -43.08
CA ALA A 280 -5.78 17.16 -43.17
C ALA A 280 -5.41 18.34 -44.04
N LEU A 281 -4.17 18.80 -43.90
CA LEU A 281 -3.68 19.95 -44.66
C LEU A 281 -3.67 19.67 -46.16
N ALA A 282 -3.60 18.39 -46.53
CA ALA A 282 -3.52 17.99 -47.93
C ALA A 282 -4.89 17.66 -48.53
N HIS A 283 -5.94 17.83 -47.73
CA HIS A 283 -7.31 17.52 -48.15
C HIS A 283 -7.81 18.53 -49.18
N PRO A 284 -8.57 18.05 -50.19
CA PRO A 284 -9.09 18.95 -51.24
C PRO A 284 -9.83 20.18 -50.72
N PHE A 285 -10.41 20.10 -49.53
CA PHE A 285 -11.12 21.22 -48.95
C PHE A 285 -10.27 22.49 -48.95
N PHE A 286 -8.95 22.34 -48.87
CA PHE A 286 -8.03 23.48 -48.73
C PHE A 286 -7.39 23.99 -50.03
N GLN A 287 -7.77 23.45 -51.17
CA GLN A 287 -7.08 23.79 -52.42
C GLN A 287 -7.24 25.27 -52.81
N ASP A 288 -8.35 25.88 -52.43
CA ASP A 288 -8.59 27.29 -52.76
C ASP A 288 -8.25 28.25 -51.62
N VAL A 289 -7.71 27.73 -50.53
CA VAL A 289 -7.61 28.52 -49.30
C VAL A 289 -6.92 29.89 -49.48
N THR A 290 -7.53 30.89 -48.87
CA THR A 290 -7.00 32.25 -48.91
C THR A 290 -6.87 32.70 -47.46
N LYS A 291 -6.35 33.90 -47.24
CA LYS A 291 -6.23 34.42 -45.88
C LYS A 291 -6.99 35.73 -45.74
N PRO A 292 -8.32 35.67 -45.67
CA PRO A 292 -9.11 36.89 -45.54
C PRO A 292 -8.96 37.57 -44.19
N VAL A 293 -9.37 38.84 -44.11
CA VAL A 293 -9.27 39.62 -42.88
C VAL A 293 -10.58 39.51 -42.12
N PRO A 294 -10.52 39.27 -40.81
CA PRO A 294 -11.79 39.19 -40.05
C PRO A 294 -12.39 40.57 -39.83
N HIS A 295 -13.66 40.59 -39.43
CA HIS A 295 -14.34 41.85 -39.18
C HIS A 295 -14.57 41.96 -37.67
N LEU A 296 -13.92 42.94 -37.07
CA LEU A 296 -13.88 43.06 -35.62
C LEU A 296 -14.44 44.41 -35.19
N VAL B 1 2.72 3.02 -37.94
CA VAL B 1 3.64 4.15 -38.05
C VAL B 1 2.90 5.44 -38.38
N PRO B 2 2.58 6.25 -37.34
CA PRO B 2 1.99 7.57 -37.60
C PRO B 2 2.92 8.41 -38.46
N ASP B 3 2.38 9.43 -39.13
CA ASP B 3 3.15 10.16 -40.13
C ASP B 3 3.98 11.32 -39.56
N TYR B 4 3.85 11.57 -38.26
CA TYR B 4 4.71 12.52 -37.55
C TYR B 4 5.88 11.79 -36.84
N GLN B 5 5.94 10.47 -37.00
CA GLN B 5 6.91 9.67 -36.28
C GLN B 5 8.35 9.90 -36.73
N GLU B 6 8.57 9.99 -38.04
CA GLU B 6 9.89 10.24 -38.56
C GLU B 6 10.34 11.66 -38.19
N ASP B 7 9.40 12.61 -38.19
CA ASP B 7 9.67 13.99 -37.78
C ASP B 7 10.14 14.06 -36.32
N ILE B 8 9.51 13.28 -35.45
CA ILE B 8 9.85 13.29 -34.04
C ILE B 8 11.27 12.76 -33.84
N HIS B 9 11.61 11.68 -34.52
CA HIS B 9 12.96 11.13 -34.43
C HIS B 9 14.00 12.17 -34.86
N THR B 10 13.76 12.81 -36.01
CA THR B 10 14.68 13.82 -36.50
C THR B 10 14.79 14.97 -35.51
N TYR B 11 13.66 15.41 -34.98
CA TYR B 11 13.66 16.50 -34.00
C TYR B 11 14.49 16.12 -32.77
N LEU B 12 14.29 14.90 -32.25
CA LEU B 12 14.98 14.49 -31.04
C LEU B 12 16.48 14.37 -31.27
N ARG B 13 16.86 13.94 -32.47
CA ARG B 13 18.27 13.86 -32.83
C ARG B 13 18.88 15.24 -32.83
N GLU B 14 18.11 16.27 -33.14
CA GLU B 14 18.62 17.64 -33.08
C GLU B 14 18.66 18.15 -31.64
N MET B 15 17.63 17.84 -30.85
CA MET B 15 17.57 18.33 -29.49
C MET B 15 18.62 17.69 -28.58
N GLU B 16 19.02 16.44 -28.84
CA GLU B 16 19.95 15.75 -27.94
C GLU B 16 21.33 16.39 -28.02
N VAL B 17 21.62 17.02 -29.15
CA VAL B 17 22.88 17.74 -29.31
C VAL B 17 22.82 19.08 -28.56
N LYS B 18 21.66 19.70 -28.51
CA LYS B 18 21.51 20.96 -27.79
C LYS B 18 21.41 20.77 -26.26
N CYS B 19 20.87 19.64 -25.82
CA CYS B 19 20.65 19.37 -24.40
C CYS B 19 21.79 18.57 -23.78
N LYS B 20 22.83 18.30 -24.57
CA LYS B 20 24.00 17.58 -24.09
C LYS B 20 24.80 18.39 -23.07
N PRO B 21 25.18 17.77 -21.94
CA PRO B 21 26.08 18.39 -20.96
C PRO B 21 27.53 18.40 -21.46
N LYS B 22 28.37 19.23 -20.84
CA LYS B 22 29.79 19.31 -21.18
C LYS B 22 30.49 18.02 -20.75
N VAL B 23 31.15 17.35 -21.67
CA VAL B 23 31.69 16.02 -21.41
C VAL B 23 32.76 15.97 -20.30
N GLY B 24 33.52 17.04 -20.15
CA GLY B 24 34.63 17.06 -19.22
C GLY B 24 34.38 17.85 -17.95
N TYR B 25 33.11 18.09 -17.62
CA TYR B 25 32.80 19.04 -16.56
C TYR B 25 33.28 18.64 -15.16
N MET B 26 33.47 17.34 -14.92
CA MET B 26 33.81 16.89 -13.57
C MET B 26 35.26 17.27 -13.21
N LYS B 27 36.13 17.39 -14.19
CA LYS B 27 37.48 17.90 -13.99
C LYS B 27 37.46 19.29 -13.42
N ARG B 28 36.51 20.08 -13.85
CA ARG B 28 36.43 21.45 -13.43
C ARG B 28 35.70 21.59 -12.14
N GLN B 29 35.24 20.51 -11.55
CA GLN B 29 34.54 20.60 -10.30
C GLN B 29 35.53 20.40 -9.21
N PRO B 30 35.71 21.37 -8.36
CA PRO B 30 36.74 21.23 -7.32
C PRO B 30 36.45 20.15 -6.28
N ASP B 31 35.23 20.11 -5.73
CA ASP B 31 34.93 19.23 -4.60
C ASP B 31 34.21 17.89 -4.82
N ILE B 32 33.77 17.57 -6.04
CA ILE B 32 33.00 16.34 -6.26
C ILE B 32 33.57 15.55 -7.42
N THR B 33 33.32 14.25 -7.43
CA THR B 33 33.96 13.34 -8.38
C THR B 33 32.98 12.45 -9.11
N ASN B 34 33.46 11.66 -10.07
CA ASN B 34 32.62 10.72 -10.80
C ASN B 34 32.05 9.70 -9.86
N SER B 35 32.73 9.48 -8.75
CA SER B 35 32.31 8.46 -7.80
C SER B 35 31.15 8.96 -6.93
N MET B 36 31.19 10.22 -6.53
CA MET B 36 30.07 10.79 -5.75
C MET B 36 28.83 10.87 -6.62
N ARG B 37 29.04 11.14 -7.91
CA ARG B 37 27.96 11.21 -8.88
C ARG B 37 27.28 9.85 -9.04
N ALA B 38 28.08 8.78 -9.05
CA ALA B 38 27.55 7.44 -9.18
C ALA B 38 26.69 7.07 -7.97
N ILE B 39 27.15 7.47 -6.78
CA ILE B 39 26.41 7.21 -5.54
C ILE B 39 25.08 7.95 -5.55
N LEU B 40 25.08 9.17 -6.09
CA LEU B 40 23.87 9.98 -6.20
C LEU B 40 22.85 9.38 -7.15
N VAL B 41 23.30 8.97 -8.34
CA VAL B 41 22.41 8.43 -9.36
C VAL B 41 21.81 7.11 -8.89
N ASP B 42 22.66 6.27 -8.31
CA ASP B 42 22.22 5.00 -7.76
C ASP B 42 21.14 5.22 -6.70
N TRP B 43 21.35 6.22 -5.85
CA TRP B 43 20.38 6.58 -4.82
C TRP B 43 19.06 7.05 -5.49
N LEU B 44 19.17 7.77 -6.61
CA LEU B 44 17.98 8.23 -7.34
C LEU B 44 17.20 7.07 -7.96
N VAL B 45 17.91 6.02 -8.36
CA VAL B 45 17.26 4.77 -8.81
C VAL B 45 16.38 4.21 -7.71
N GLU B 46 16.90 4.17 -6.48
CA GLU B 46 16.12 3.65 -5.35
C GLU B 46 14.95 4.55 -5.02
N VAL B 47 15.14 5.87 -5.09
CA VAL B 47 14.03 6.80 -4.85
C VAL B 47 12.92 6.57 -5.88
N GLY B 48 13.31 6.36 -7.14
CA GLY B 48 12.36 6.07 -8.20
C GLY B 48 11.53 4.82 -7.90
N GLU B 49 12.18 3.78 -7.38
CA GLU B 49 11.48 2.55 -7.00
C GLU B 49 10.55 2.74 -5.81
N GLU B 50 11.03 3.42 -4.78
CA GLU B 50 10.22 3.72 -3.61
C GLU B 50 8.91 4.45 -3.97
N TYR B 51 8.97 5.41 -4.90
CA TYR B 51 7.78 6.15 -5.35
C TYR B 51 7.11 5.63 -6.63
N LYS B 52 7.62 4.53 -7.17
CA LYS B 52 7.05 3.93 -8.38
C LYS B 52 7.00 4.96 -9.51
N LEU B 53 8.08 5.71 -9.67
CA LEU B 53 8.22 6.65 -10.77
C LEU B 53 8.65 5.94 -12.07
N GLN B 54 8.33 6.54 -13.21
CA GLN B 54 8.75 6.05 -14.51
C GLN B 54 10.27 6.08 -14.67
N ASN B 55 10.79 5.14 -15.45
CA ASN B 55 12.17 5.20 -15.90
C ASN B 55 12.53 6.53 -16.59
N GLU B 56 11.62 7.06 -17.40
CA GLU B 56 11.85 8.33 -18.09
C GLU B 56 12.19 9.42 -17.07
N THR B 57 11.44 9.47 -15.97
CA THR B 57 11.67 10.45 -14.92
C THR B 57 13.10 10.38 -14.38
N LEU B 58 13.60 9.17 -14.19
CA LEU B 58 14.99 8.95 -13.77
C LEU B 58 16.00 9.47 -14.81
N HIS B 59 15.84 9.09 -16.07
CA HIS B 59 16.72 9.60 -17.14
C HIS B 59 16.71 11.12 -17.29
N LEU B 60 15.56 11.77 -17.07
CA LEU B 60 15.48 13.23 -17.16
C LEU B 60 16.23 13.88 -15.99
N ALA B 61 16.05 13.34 -14.79
CA ALA B 61 16.68 13.89 -13.59
C ALA B 61 18.20 13.88 -13.77
N VAL B 62 18.74 12.83 -14.38
CA VAL B 62 20.17 12.72 -14.59
C VAL B 62 20.64 13.72 -15.63
N ASN B 63 19.85 13.90 -16.67
CA ASN B 63 20.17 14.93 -17.66
C ASN B 63 20.24 16.30 -16.99
N TYR B 64 19.23 16.65 -16.18
CA TYR B 64 19.20 17.94 -15.48
C TYR B 64 20.41 18.10 -14.59
N ILE B 65 20.78 17.03 -13.89
CA ILE B 65 21.89 17.09 -12.95
C ILE B 65 23.20 17.37 -13.68
N ASP B 66 23.47 16.64 -14.74
CA ASP B 66 24.72 16.81 -15.49
C ASP B 66 24.82 18.17 -16.16
N ARG B 67 23.71 18.71 -16.65
CA ARG B 67 23.72 20.05 -17.23
C ARG B 67 23.92 21.11 -16.13
N PHE B 68 23.27 20.94 -14.99
CA PHE B 68 23.43 21.88 -13.90
C PHE B 68 24.89 21.91 -13.40
N LEU B 69 25.50 20.73 -13.26
CA LEU B 69 26.88 20.63 -12.79
C LEU B 69 27.87 21.07 -13.87
N SER B 70 27.40 21.21 -15.11
CA SER B 70 28.23 21.69 -16.19
C SER B 70 28.51 23.19 -16.06
N SER B 71 27.53 23.98 -15.63
CA SER B 71 27.79 25.39 -15.31
C SER B 71 27.95 25.82 -13.83
N MET B 72 27.76 24.92 -12.87
CA MET B 72 27.72 25.34 -11.46
C MET B 72 28.61 24.48 -10.58
N SER B 73 29.47 25.13 -9.79
CA SER B 73 30.30 24.42 -8.83
C SER B 73 29.47 24.07 -7.60
N VAL B 74 29.60 22.83 -7.13
CA VAL B 74 28.81 22.35 -6.00
C VAL B 74 29.68 21.59 -5.02
N LEU B 75 29.57 21.93 -3.73
CA LEU B 75 30.28 21.21 -2.68
C LEU B 75 29.60 19.85 -2.44
N ARG B 76 30.35 18.90 -1.89
CA ARG B 76 29.84 17.54 -1.77
C ARG B 76 28.62 17.49 -0.87
N GLY B 77 28.52 18.42 0.08
CA GLY B 77 27.41 18.38 1.02
C GLY B 77 26.11 18.89 0.42
N LYS B 78 26.21 19.61 -0.69
CA LYS B 78 25.04 20.05 -1.41
C LYS B 78 24.68 19.23 -2.66
N LEU B 79 25.50 18.24 -3.02
CA LEU B 79 25.24 17.46 -4.22
C LEU B 79 23.86 16.79 -4.19
N GLN B 80 23.48 16.26 -3.03
CA GLN B 80 22.21 15.54 -2.91
C GLN B 80 21.03 16.52 -2.97
N LEU B 81 21.22 17.78 -2.59
CA LEU B 81 20.15 18.77 -2.73
C LEU B 81 19.89 19.03 -4.21
N VAL B 82 20.97 19.15 -4.99
CA VAL B 82 20.84 19.29 -6.44
C VAL B 82 20.09 18.09 -7.03
N GLY B 83 20.44 16.88 -6.61
CA GLY B 83 19.84 15.67 -7.17
C GLY B 83 18.37 15.56 -6.79
N THR B 84 18.03 15.99 -5.58
CA THR B 84 16.66 15.92 -5.08
C THR B 84 15.73 16.89 -5.81
N ALA B 85 16.20 18.11 -6.06
CA ALA B 85 15.40 19.09 -6.79
C ALA B 85 15.30 18.70 -8.26
N ALA B 86 16.34 18.06 -8.78
CA ALA B 86 16.33 17.52 -10.15
C ALA B 86 15.25 16.45 -10.31
N MET B 87 15.11 15.60 -9.29
CA MET B 87 14.14 14.50 -9.33
C MET B 87 12.73 15.05 -9.17
N LEU B 88 12.57 16.03 -8.28
CA LEU B 88 11.28 16.69 -8.09
C LEU B 88 10.82 17.36 -9.39
N LEU B 89 11.76 18.03 -10.06
CA LEU B 89 11.45 18.72 -11.31
C LEU B 89 11.15 17.74 -12.42
N ALA B 90 11.91 16.65 -12.54
CA ALA B 90 11.61 15.65 -13.55
C ALA B 90 10.24 15.00 -13.27
N SER B 91 9.89 14.89 -11.98
CA SER B 91 8.60 14.29 -11.58
C SER B 91 7.42 15.17 -12.02
N LYS B 92 7.52 16.47 -11.77
CA LYS B 92 6.50 17.41 -12.21
C LYS B 92 6.36 17.42 -13.73
N PHE B 93 7.48 17.27 -14.44
CA PHE B 93 7.41 17.27 -15.90
C PHE B 93 6.77 15.99 -16.42
N GLU B 94 7.34 14.86 -15.98
CA GLU B 94 6.99 13.54 -16.49
C GLU B 94 5.78 12.81 -15.87
N GLU B 95 5.63 12.90 -14.56
CA GLU B 95 4.68 12.04 -13.84
C GLU B 95 3.26 12.58 -13.85
N ILE B 96 2.31 11.66 -13.96
CA ILE B 96 0.91 11.98 -13.71
C ILE B 96 0.78 12.47 -12.27
N TYR B 97 1.36 11.71 -11.34
CA TYR B 97 1.29 12.02 -9.91
C TYR B 97 2.68 12.22 -9.32
N PRO B 98 3.17 13.47 -9.35
CA PRO B 98 4.46 13.80 -8.73
C PRO B 98 4.40 13.73 -7.20
N PRO B 99 5.42 13.14 -6.56
CA PRO B 99 5.42 13.13 -5.09
C PRO B 99 5.43 14.55 -4.56
N GLU B 100 4.83 14.81 -3.41
CA GLU B 100 4.87 16.17 -2.87
C GLU B 100 6.25 16.47 -2.29
N VAL B 101 6.56 17.75 -2.11
CA VAL B 101 7.88 18.17 -1.67
C VAL B 101 8.22 17.55 -0.32
N ALA B 102 7.24 17.49 0.58
CA ALA B 102 7.46 16.96 1.93
C ALA B 102 7.95 15.52 1.89
N GLU B 103 7.59 14.80 0.84
CA GLU B 103 8.04 13.43 0.65
C GLU B 103 9.48 13.38 0.19
N PHE B 104 9.87 14.31 -0.69
CA PHE B 104 11.27 14.39 -1.10
C PHE B 104 12.16 14.77 0.07
N VAL B 105 11.65 15.61 0.96
CA VAL B 105 12.40 15.98 2.16
C VAL B 105 12.55 14.76 3.05
N TYR B 106 11.50 13.95 3.13
CA TYR B 106 11.52 12.74 3.96
C TYR B 106 12.50 11.71 3.41
N ILE B 107 12.60 11.61 2.09
CA ILE B 107 13.44 10.57 1.49
C ILE B 107 14.95 10.91 1.61
N THR B 108 15.28 12.16 1.97
CA THR B 108 16.66 12.52 2.31
C THR B 108 16.91 12.44 3.82
N ASP B 109 15.89 12.01 4.57
CA ASP B 109 15.93 11.89 6.03
C ASP B 109 16.20 13.23 6.72
N ASP B 110 15.55 14.28 6.22
CA ASP B 110 15.69 15.64 6.77
C ASP B 110 17.12 16.19 6.64
N THR B 111 17.87 15.68 5.67
CA THR B 111 19.19 16.24 5.38
C THR B 111 19.03 17.71 4.95
N TYR B 112 17.94 17.99 4.23
CA TYR B 112 17.61 19.36 3.81
C TYR B 112 16.18 19.73 4.19
N SER B 113 15.89 21.02 4.26
CA SER B 113 14.56 21.46 4.65
C SER B 113 13.71 21.64 3.41
N LYS B 114 12.43 21.95 3.61
CA LYS B 114 11.51 22.18 2.52
C LYS B 114 11.94 23.43 1.74
N LYS B 115 12.25 24.48 2.50
CA LYS B 115 12.68 25.77 1.96
C LYS B 115 13.91 25.58 1.07
N GLN B 116 14.84 24.74 1.49
CA GLN B 116 16.03 24.51 0.71
C GLN B 116 15.70 23.80 -0.59
N VAL B 117 14.84 22.80 -0.54
CA VAL B 117 14.52 22.04 -1.74
C VAL B 117 13.80 22.94 -2.75
N LEU B 118 12.89 23.78 -2.26
CA LEU B 118 12.15 24.69 -3.14
C LEU B 118 13.07 25.75 -3.74
N ARG B 119 14.02 26.22 -2.94
CA ARG B 119 14.94 27.22 -3.42
C ARG B 119 15.89 26.60 -4.43
N MET B 120 16.28 25.35 -4.22
CA MET B 120 17.13 24.67 -5.19
C MET B 120 16.36 24.40 -6.48
N GLU B 121 15.06 24.17 -6.38
CA GLU B 121 14.23 23.98 -7.56
C GLU B 121 14.25 25.26 -8.39
N HIS B 122 14.10 26.40 -7.72
CA HIS B 122 14.18 27.69 -8.40
C HIS B 122 15.53 27.87 -9.12
N LEU B 123 16.62 27.54 -8.43
CA LEU B 123 17.96 27.74 -9.00
C LEU B 123 18.18 26.82 -10.22
N VAL B 124 17.69 25.58 -10.12
CA VAL B 124 17.86 24.64 -11.22
C VAL B 124 17.04 25.08 -12.45
N LEU B 125 15.83 25.55 -12.21
CA LEU B 125 15.00 26.10 -13.27
C LEU B 125 15.72 27.26 -13.95
N LYS B 126 16.32 28.14 -13.13
CA LYS B 126 17.00 29.31 -13.66
C LYS B 126 18.22 28.90 -14.50
N VAL B 127 18.99 27.94 -14.00
CA VAL B 127 20.23 27.56 -14.66
C VAL B 127 19.97 26.81 -15.95
N LEU B 128 18.92 25.99 -15.98
CA LEU B 128 18.55 25.27 -17.19
C LEU B 128 17.64 26.12 -18.09
N ALA B 129 17.25 27.30 -17.60
CA ALA B 129 16.37 28.21 -18.33
C ALA B 129 15.05 27.53 -18.70
N PHE B 130 14.57 26.68 -17.80
CA PHE B 130 13.32 25.95 -17.98
C PHE B 130 13.34 25.06 -19.22
N ASP B 131 14.51 24.68 -19.78
CA ASP B 131 14.37 23.77 -20.89
C ASP B 131 14.47 22.39 -20.25
N LEU B 132 13.31 21.82 -19.98
CA LEU B 132 13.22 20.54 -19.30
C LEU B 132 12.92 19.37 -20.21
N ALA B 133 12.63 19.60 -21.50
CA ALA B 133 12.22 18.44 -22.23
C ALA B 133 13.39 18.01 -23.04
N ALA B 134 14.20 17.15 -22.43
CA ALA B 134 15.42 16.64 -23.00
C ALA B 134 15.13 15.28 -23.62
N PRO B 135 15.75 14.99 -24.77
CA PRO B 135 15.70 13.59 -25.22
C PRO B 135 16.52 12.72 -24.24
N THR B 136 16.10 11.48 -24.00
CA THR B 136 16.82 10.57 -23.10
C THR B 136 17.09 9.28 -23.85
N VAL B 137 18.03 8.48 -23.34
CA VAL B 137 18.27 7.14 -23.87
C VAL B 137 16.94 6.38 -23.91
N ASN B 138 16.13 6.58 -22.87
CA ASN B 138 14.84 5.93 -22.78
C ASN B 138 13.92 6.23 -24.00
N GLN B 139 13.80 7.51 -24.39
CA GLN B 139 12.93 7.84 -25.52
C GLN B 139 13.42 7.22 -26.82
N PHE B 140 14.73 7.12 -27.00
CA PHE B 140 15.26 6.52 -28.22
C PHE B 140 15.07 5.00 -28.23
N LEU B 141 15.22 4.37 -27.07
CA LEU B 141 14.95 2.94 -26.95
C LEU B 141 13.51 2.60 -27.36
N THR B 142 12.54 3.35 -26.85
CA THR B 142 11.14 2.99 -27.11
C THR B 142 10.84 3.09 -28.59
N GLN B 143 11.50 4.00 -29.29
CA GLN B 143 11.34 4.09 -30.73
C GLN B 143 12.00 2.91 -31.44
N TYR B 144 13.18 2.52 -30.98
CA TYR B 144 13.89 1.39 -31.58
C TYR B 144 13.10 0.07 -31.39
N PHE B 145 12.37 -0.05 -30.27
CA PHE B 145 11.62 -1.27 -29.97
C PHE B 145 10.56 -1.57 -31.02
N LEU B 146 10.05 -0.53 -31.66
CA LEU B 146 9.01 -0.69 -32.67
C LEU B 146 9.51 -1.46 -33.89
N HIS B 147 10.81 -1.62 -34.01
CA HIS B 147 11.40 -2.36 -35.13
C HIS B 147 11.46 -3.86 -34.84
N LEU B 148 10.96 -4.28 -33.69
CA LEU B 148 10.80 -5.71 -33.42
C LEU B 148 9.36 -6.11 -33.67
N GLN B 149 9.13 -6.89 -34.72
CA GLN B 149 7.82 -7.50 -34.98
C GLN B 149 7.90 -9.02 -34.98
N PRO B 150 7.25 -9.69 -34.01
CA PRO B 150 6.53 -9.16 -32.85
C PRO B 150 7.47 -8.66 -31.75
N ALA B 151 6.93 -7.83 -30.86
CA ALA B 151 7.73 -7.27 -29.77
C ALA B 151 8.36 -8.39 -28.97
N ASN B 152 9.61 -8.21 -28.59
CA ASN B 152 10.27 -9.13 -27.68
C ASN B 152 10.50 -8.41 -26.36
N CYS B 153 9.71 -8.77 -25.35
CA CYS B 153 9.66 -8.05 -24.09
C CYS B 153 10.94 -8.26 -23.28
N LYS B 154 11.54 -9.44 -23.43
CA LYS B 154 12.76 -9.74 -22.68
C LYS B 154 13.89 -8.88 -23.24
N VAL B 155 13.96 -8.74 -24.58
CA VAL B 155 14.94 -7.86 -25.20
C VAL B 155 14.72 -6.43 -24.75
N GLU B 156 13.46 -6.05 -24.55
CA GLU B 156 13.16 -4.70 -24.12
C GLU B 156 13.58 -4.43 -22.67
N SER B 157 13.31 -5.36 -21.76
CA SER B 157 13.72 -5.20 -20.38
C SER B 157 15.25 -5.16 -20.27
N LEU B 158 15.92 -5.95 -21.09
CA LEU B 158 17.37 -6.00 -21.08
C LEU B 158 17.97 -4.72 -21.64
N ALA B 159 17.39 -4.17 -22.70
CA ALA B 159 17.93 -2.94 -23.28
C ALA B 159 17.78 -1.79 -22.27
N MET B 160 16.65 -1.74 -21.58
CA MET B 160 16.43 -0.67 -20.62
CA MET B 160 16.36 -0.73 -20.56
C MET B 160 17.35 -0.82 -19.41
N PHE B 161 17.66 -2.05 -19.02
CA PHE B 161 18.63 -2.29 -17.95
C PHE B 161 20.01 -1.76 -18.36
N LEU B 162 20.45 -2.13 -19.56
CA LEU B 162 21.75 -1.69 -20.04
C LEU B 162 21.79 -0.17 -20.15
N GLY B 163 20.67 0.44 -20.53
CA GLY B 163 20.60 1.88 -20.70
C GLY B 163 20.68 2.61 -19.36
N GLU B 164 20.10 1.98 -18.34
CA GLU B 164 20.07 2.55 -17.00
C GLU B 164 21.46 2.42 -16.32
N LEU B 165 22.19 1.37 -16.65
CA LEU B 165 23.54 1.20 -16.13
C LEU B 165 24.42 2.34 -16.64
N SER B 166 24.17 2.79 -17.86
CA SER B 166 25.00 3.83 -18.45
C SER B 166 24.87 5.15 -17.68
N LEU B 167 23.74 5.33 -16.99
CA LEU B 167 23.53 6.56 -16.23
C LEU B 167 24.49 6.68 -15.06
N ILE B 168 24.98 5.54 -14.55
CA ILE B 168 25.78 5.53 -13.33
C ILE B 168 27.21 6.06 -13.57
N ASP B 169 27.81 5.68 -14.69
CA ASP B 169 29.21 6.03 -14.92
C ASP B 169 29.41 7.13 -15.97
N ALA B 170 29.74 8.33 -15.49
CA ALA B 170 29.86 9.51 -16.34
C ALA B 170 31.04 9.29 -17.27
N ASP B 171 32.09 8.73 -16.72
CA ASP B 171 33.20 8.25 -17.52
C ASP B 171 33.00 6.75 -17.67
N PRO B 172 32.91 6.23 -18.91
CA PRO B 172 32.89 6.75 -20.30
C PRO B 172 31.62 7.43 -20.85
N TYR B 173 30.45 7.22 -20.27
CA TYR B 173 29.21 7.40 -21.06
C TYR B 173 28.79 8.83 -21.44
N LEU B 174 29.26 9.85 -20.72
CA LEU B 174 29.01 11.23 -21.12
C LEU B 174 29.59 11.50 -22.52
N LYS B 175 30.54 10.67 -22.95
CA LYS B 175 31.12 10.80 -24.30
C LYS B 175 30.13 10.47 -25.42
N TYR B 176 29.06 9.73 -25.13
CA TYR B 176 28.13 9.32 -26.18
C TYR B 176 26.76 10.01 -26.10
N LEU B 177 26.18 10.29 -27.26
CA LEU B 177 24.83 10.84 -27.33
C LEU B 177 23.80 9.76 -26.92
N PRO B 178 22.69 10.18 -26.29
CA PRO B 178 21.66 9.22 -25.90
C PRO B 178 21.26 8.27 -27.03
N SER B 179 21.20 8.77 -28.26
CA SER B 179 20.72 7.93 -29.37
C SER B 179 21.68 6.79 -29.69
N LEU B 180 22.98 7.05 -29.50
CA LEU B 180 24.03 6.06 -29.76
C LEU B 180 24.14 5.05 -28.62
N ILE B 181 24.03 5.52 -27.38
CA ILE B 181 23.94 4.64 -26.23
C ILE B 181 22.75 3.69 -26.39
N ALA B 182 21.61 4.23 -26.82
CA ALA B 182 20.41 3.44 -27.02
C ALA B 182 20.61 2.42 -28.13
N GLY B 183 21.40 2.78 -29.14
CA GLY B 183 21.69 1.88 -30.25
C GLY B 183 22.51 0.68 -29.79
N ALA B 184 23.55 0.94 -29.01
CA ALA B 184 24.41 -0.12 -28.49
C ALA B 184 23.67 -1.01 -27.49
N ALA B 185 22.87 -0.41 -26.62
CA ALA B 185 22.10 -1.16 -25.61
C ALA B 185 21.06 -2.04 -26.28
N PHE B 186 20.48 -1.56 -27.37
CA PHE B 186 19.45 -2.32 -28.08
C PHE B 186 20.10 -3.50 -28.80
N HIS B 187 21.18 -3.25 -29.55
CA HIS B 187 21.86 -4.34 -30.21
C HIS B 187 22.40 -5.36 -29.22
N LEU B 188 22.94 -4.89 -28.10
CA LEU B 188 23.54 -5.79 -27.13
C LEU B 188 22.44 -6.62 -26.48
N ALA B 189 21.30 -6.01 -26.20
CA ALA B 189 20.18 -6.73 -25.58
C ALA B 189 19.64 -7.78 -26.54
N LEU B 190 19.56 -7.41 -27.81
CA LEU B 190 19.03 -8.28 -28.86
C LEU B 190 19.95 -9.46 -29.14
N TYR B 191 21.26 -9.21 -29.16
CA TYR B 191 22.24 -10.25 -29.43
C TYR B 191 22.24 -11.24 -28.27
N THR B 192 22.17 -10.71 -27.05
CA THR B 192 22.15 -11.56 -25.86
C THR B 192 20.94 -12.48 -25.87
N VAL B 193 19.76 -11.92 -26.06
CA VAL B 193 18.53 -12.71 -25.99
C VAL B 193 18.22 -13.59 -27.22
N THR B 194 18.23 -13.00 -28.41
CA THR B 194 17.96 -13.77 -29.63
C THR B 194 19.19 -14.16 -30.44
N GLY B 195 20.37 -13.73 -30.04
CA GLY B 195 21.56 -13.93 -30.86
C GLY B 195 21.56 -13.17 -32.18
N GLN B 196 20.60 -12.28 -32.37
CA GLN B 196 20.53 -11.51 -33.61
C GLN B 196 21.17 -10.13 -33.44
N SER B 197 21.19 -9.36 -34.53
CA SER B 197 21.99 -8.14 -34.59
C SER B 197 21.19 -6.92 -35.01
N TRP B 198 21.82 -5.75 -34.84
CA TRP B 198 21.20 -4.45 -35.07
C TRP B 198 20.58 -4.43 -36.46
N PRO B 199 19.25 -4.24 -36.55
CA PRO B 199 18.53 -4.37 -37.81
C PRO B 199 18.85 -3.29 -38.84
N GLU B 200 18.95 -3.71 -40.10
CA GLU B 200 19.23 -2.79 -41.20
C GLU B 200 18.24 -1.64 -41.23
N SER B 201 17.00 -1.90 -40.82
CA SER B 201 15.99 -0.84 -40.81
C SER B 201 16.35 0.25 -39.79
N LEU B 202 16.93 -0.13 -38.66
CA LEU B 202 17.39 0.87 -37.69
C LEU B 202 18.66 1.57 -38.19
N ALA B 203 19.50 0.85 -38.91
CA ALA B 203 20.73 1.43 -39.43
C ALA B 203 20.41 2.54 -40.43
N GLN B 204 19.33 2.36 -41.18
CA GLN B 204 18.91 3.35 -42.15
C GLN B 204 18.23 4.53 -41.47
N GLN B 205 17.36 4.24 -40.51
CA GLN B 205 16.65 5.31 -39.81
C GLN B 205 17.60 6.21 -38.97
N THR B 206 18.45 5.58 -38.17
CA THR B 206 19.37 6.31 -37.29
C THR B 206 20.64 6.79 -37.97
N GLY B 207 21.07 6.11 -39.04
CA GLY B 207 22.33 6.42 -39.66
C GLY B 207 23.53 5.72 -39.02
N TYR B 208 23.29 4.98 -37.95
CA TYR B 208 24.36 4.24 -37.28
C TYR B 208 24.47 2.85 -37.89
N THR B 209 25.61 2.52 -38.48
CA THR B 209 25.93 1.14 -38.81
C THR B 209 26.36 0.41 -37.55
N LEU B 210 26.28 -0.92 -37.56
CA LEU B 210 26.78 -1.71 -36.44
C LEU B 210 28.21 -1.27 -36.10
N GLU B 211 29.00 -1.01 -37.15
CA GLU B 211 30.37 -0.55 -36.99
C GLU B 211 30.48 0.72 -36.12
N SER B 212 29.58 1.68 -36.35
CA SER B 212 29.64 2.94 -35.62
C SER B 212 29.17 2.80 -34.17
N LEU B 213 28.47 1.72 -33.86
CA LEU B 213 28.08 1.45 -32.47
C LEU B 213 29.23 0.81 -31.68
N LYS B 214 30.29 0.41 -32.37
CA LYS B 214 31.32 -0.44 -31.76
C LYS B 214 32.02 0.14 -30.54
N PRO B 215 32.48 1.40 -30.64
CA PRO B 215 33.17 1.97 -29.46
C PRO B 215 32.29 1.95 -28.21
N CYS B 216 31.04 2.40 -28.36
CA CYS B 216 30.13 2.45 -27.24
C CYS B 216 29.73 1.04 -26.81
N LEU B 217 29.75 0.13 -27.77
CA LEU B 217 29.30 -1.23 -27.56
C LEU B 217 30.33 -2.00 -26.74
N VAL B 218 31.61 -1.75 -27.00
CA VAL B 218 32.70 -2.38 -26.23
C VAL B 218 32.58 -1.95 -24.78
N ASP B 219 32.40 -0.65 -24.57
CA ASP B 219 32.21 -0.09 -23.22
C ASP B 219 31.02 -0.73 -22.51
N LEU B 220 29.91 -0.81 -23.22
CA LEU B 220 28.66 -1.26 -22.64
C LEU B 220 28.75 -2.74 -22.28
N HIS B 221 29.40 -3.50 -23.15
CA HIS B 221 29.64 -4.92 -22.92
C HIS B 221 30.48 -5.15 -21.63
N GLN B 222 31.54 -4.36 -21.46
CA GLN B 222 32.37 -4.45 -20.26
C GLN B 222 31.57 -4.11 -19.00
N THR B 223 30.79 -3.04 -19.07
CA THR B 223 29.97 -2.62 -17.95
C THR B 223 29.02 -3.75 -17.56
N TYR B 224 28.51 -4.43 -18.58
CA TYR B 224 27.56 -5.53 -18.40
C TYR B 224 28.24 -6.72 -17.70
N LEU B 225 29.43 -7.09 -18.18
CA LEU B 225 30.22 -8.18 -17.58
C LEU B 225 30.56 -7.91 -16.11
N LYS B 226 30.89 -6.65 -15.80
CA LYS B 226 31.38 -6.30 -14.47
C LYS B 226 30.27 -5.82 -13.53
N ALA B 227 29.02 -5.86 -13.99
CA ALA B 227 27.91 -5.29 -13.22
C ALA B 227 27.78 -5.87 -11.80
N PRO B 228 27.94 -7.19 -11.64
CA PRO B 228 27.82 -7.79 -10.29
C PRO B 228 28.93 -7.31 -9.34
N GLN B 229 30.07 -6.91 -9.88
CA GLN B 229 31.17 -6.35 -9.09
C GLN B 229 31.04 -4.86 -8.74
N HIS B 230 30.33 -4.10 -9.56
CA HIS B 230 30.26 -2.64 -9.44
C HIS B 230 29.80 -2.24 -8.04
N ALA B 231 30.33 -1.15 -7.51
CA ALA B 231 29.99 -0.71 -6.15
C ALA B 231 28.51 -0.29 -5.98
N GLN B 232 27.90 0.23 -7.05
CA GLN B 232 26.48 0.58 -7.07
C GLN B 232 25.62 -0.58 -7.62
N GLN B 233 24.78 -1.14 -6.74
CA GLN B 233 23.91 -2.26 -7.09
C GLN B 233 22.40 -2.03 -7.35
N SER B 234 21.90 -0.82 -7.17
CA SER B 234 20.45 -0.59 -7.16
C SER B 234 19.73 -0.95 -8.46
N ILE B 235 20.41 -0.80 -9.59
CA ILE B 235 19.82 -1.13 -10.87
C ILE B 235 19.72 -2.66 -11.04
N ARG B 236 20.74 -3.41 -10.64
CA ARG B 236 20.66 -4.86 -10.72
C ARG B 236 19.51 -5.39 -9.86
N GLU B 237 19.40 -4.87 -8.63
CA GLU B 237 18.32 -5.27 -7.72
C GLU B 237 16.96 -4.97 -8.34
N LYS B 238 16.85 -3.83 -9.01
CA LYS B 238 15.59 -3.41 -9.61
C LYS B 238 15.18 -4.33 -10.77
N TYR B 239 16.15 -4.76 -11.57
CA TYR B 239 15.88 -5.56 -12.77
C TYR B 239 15.94 -7.08 -12.52
N LYS B 240 16.11 -7.47 -11.26
CA LYS B 240 15.93 -8.87 -10.86
C LYS B 240 14.45 -9.25 -10.83
N HIS B 241 13.61 -8.23 -10.68
CA HIS B 241 12.17 -8.41 -10.48
C HIS B 241 11.53 -9.02 -11.73
N SER B 242 10.39 -9.68 -11.54
CA SER B 242 9.76 -10.42 -12.64
C SER B 242 9.14 -9.51 -13.70
N LYS B 243 8.63 -8.35 -13.30
CA LYS B 243 8.15 -7.34 -14.25
C LYS B 243 9.20 -6.95 -15.28
N TYR B 244 10.48 -7.08 -14.92
CA TYR B 244 11.60 -6.90 -15.85
C TYR B 244 12.14 -8.21 -16.43
N HIS B 245 11.44 -9.30 -16.17
CA HIS B 245 11.83 -10.62 -16.66
C HIS B 245 13.16 -11.03 -16.05
N SER B 246 13.46 -10.47 -14.88
CA SER B 246 14.69 -10.78 -14.14
C SER B 246 15.90 -10.76 -15.07
N VAL B 247 15.94 -9.80 -15.99
CA VAL B 247 17.00 -9.77 -16.99
C VAL B 247 18.39 -9.53 -16.41
N SER B 248 18.46 -8.94 -15.22
CA SER B 248 19.78 -8.70 -14.60
C SER B 248 20.41 -10.02 -14.17
N LEU B 249 19.62 -11.08 -14.15
CA LEU B 249 20.14 -12.41 -13.80
C LEU B 249 20.63 -13.17 -15.02
N LEU B 250 20.39 -12.65 -16.22
CA LEU B 250 20.89 -13.30 -17.45
C LEU B 250 22.41 -13.14 -17.54
N ASN B 251 23.09 -14.20 -17.96
CA ASN B 251 24.53 -14.14 -18.21
C ASN B 251 24.84 -13.38 -19.50
N PRO B 252 25.73 -12.39 -19.42
CA PRO B 252 26.11 -11.69 -20.65
C PRO B 252 26.89 -12.59 -21.59
N PRO B 253 26.88 -12.29 -22.89
CA PRO B 253 27.67 -13.09 -23.81
C PRO B 253 29.14 -12.92 -23.48
N GLU B 254 30.00 -13.88 -23.80
CA GLU B 254 31.42 -13.73 -23.51
C GLU B 254 32.12 -12.87 -24.56
N THR B 255 31.72 -13.00 -25.81
CA THR B 255 32.32 -12.17 -26.86
C THR B 255 31.24 -11.66 -27.79
N LEU B 256 31.59 -10.68 -28.62
CA LEU B 256 30.64 -10.11 -29.56
C LEU B 256 31.01 -10.47 -30.99
N MET C 1 -13.25 -37.91 6.08
CA MET C 1 -13.64 -39.35 6.02
C MET C 1 -14.83 -39.57 5.10
N GLU C 2 -15.38 -40.79 5.11
CA GLU C 2 -16.27 -41.21 4.04
C GLU C 2 -17.69 -40.64 4.08
N ASN C 3 -18.09 -40.01 5.18
CA ASN C 3 -19.46 -39.50 5.28
C ASN C 3 -19.67 -38.09 4.72
N PHE C 4 -18.62 -37.45 4.20
CA PHE C 4 -18.78 -36.13 3.60
C PHE C 4 -18.55 -36.18 2.09
N GLN C 5 -19.51 -35.67 1.32
CA GLN C 5 -19.28 -35.43 -0.09
C GLN C 5 -18.79 -33.99 -0.27
N LYS C 6 -17.69 -33.82 -1.00
CA LYS C 6 -17.18 -32.49 -1.29
C LYS C 6 -18.02 -31.88 -2.41
N VAL C 7 -18.65 -30.75 -2.13
CA VAL C 7 -19.43 -30.01 -3.12
C VAL C 7 -18.52 -29.11 -3.96
N GLU C 8 -17.85 -28.15 -3.34
CA GLU C 8 -16.89 -27.31 -4.05
C GLU C 8 -15.77 -26.79 -3.14
N LYS C 9 -14.71 -26.27 -3.76
CA LYS C 9 -13.62 -25.66 -3.00
C LYS C 9 -13.97 -24.19 -2.86
N ILE C 10 -14.25 -23.74 -1.64
CA ILE C 10 -14.61 -22.33 -1.39
C ILE C 10 -13.48 -21.47 -0.86
N GLY C 11 -12.33 -22.07 -0.61
CA GLY C 11 -11.22 -21.33 -0.03
C GLY C 11 -9.90 -22.06 -0.12
N GLU C 12 -8.80 -21.31 0.03
CA GLU C 12 -7.48 -21.89 0.04
C GLU C 12 -6.51 -21.10 0.91
N GLY C 13 -5.56 -21.82 1.48
CA GLY C 13 -4.46 -21.27 2.24
C GLY C 13 -3.28 -22.21 2.04
N THR C 14 -2.10 -21.81 2.49
CA THR C 14 -0.97 -22.71 2.39
C THR C 14 -1.17 -23.84 3.40
N TYR C 15 -1.98 -23.57 4.40
CA TYR C 15 -2.25 -24.58 5.40
C TYR C 15 -3.02 -25.72 4.80
N GLY C 16 -3.98 -25.38 3.97
CA GLY C 16 -4.81 -26.40 3.36
C GLY C 16 -5.97 -25.78 2.62
N VAL C 17 -7.00 -26.57 2.36
CA VAL C 17 -8.13 -26.13 1.55
C VAL C 17 -9.40 -26.05 2.40
N VAL C 18 -10.36 -25.24 1.96
CA VAL C 18 -11.68 -25.24 2.57
C VAL C 18 -12.73 -25.65 1.52
N TYR C 19 -13.51 -26.67 1.82
CA TYR C 19 -14.56 -27.14 0.92
C TYR C 19 -15.94 -26.90 1.52
N LYS C 20 -16.92 -26.61 0.67
CA LYS C 20 -18.31 -26.74 1.04
C LYS C 20 -18.61 -28.23 0.88
N ALA C 21 -19.22 -28.84 1.89
CA ALA C 21 -19.42 -30.28 1.88
C ALA C 21 -20.77 -30.67 2.49
N ARG C 22 -21.21 -31.87 2.18
CA ARG C 22 -22.48 -32.36 2.66
C ARG C 22 -22.30 -33.67 3.42
N ASN C 23 -22.86 -33.73 4.62
CA ASN C 23 -22.92 -34.97 5.38
C ASN C 23 -23.88 -35.90 4.63
N LYS C 24 -23.39 -37.07 4.24
CA LYS C 24 -24.14 -37.99 3.39
C LYS C 24 -25.30 -38.62 4.16
N LEU C 25 -25.09 -38.84 5.46
CA LEU C 25 -26.12 -39.44 6.31
C LEU C 25 -27.22 -38.47 6.79
N THR C 26 -26.83 -37.29 7.31
CA THR C 26 -27.81 -36.34 7.84
C THR C 26 -28.26 -35.24 6.86
N GLY C 27 -27.51 -35.06 5.77
CA GLY C 27 -27.80 -34.00 4.82
C GLY C 27 -27.25 -32.63 5.20
N GLU C 28 -26.71 -32.50 6.41
CA GLU C 28 -26.19 -31.23 6.88
C GLU C 28 -25.07 -30.70 5.97
N VAL C 29 -25.19 -29.44 5.54
CA VAL C 29 -24.14 -28.77 4.78
C VAL C 29 -23.18 -28.10 5.76
N VAL C 30 -21.89 -28.27 5.50
CA VAL C 30 -20.84 -27.79 6.40
C VAL C 30 -19.71 -27.14 5.59
N ALA C 31 -18.86 -26.36 6.24
CA ALA C 31 -17.60 -25.97 5.63
C ALA C 31 -16.53 -26.86 6.23
N LEU C 32 -15.65 -27.39 5.38
CA LEU C 32 -14.68 -28.40 5.78
C LEU C 32 -13.27 -27.84 5.54
N LYS C 33 -12.53 -27.62 6.63
CA LYS C 33 -11.19 -27.03 6.55
C LYS C 33 -10.14 -28.12 6.74
N LYS C 34 -9.40 -28.41 5.68
CA LYS C 34 -8.41 -29.48 5.73
C LYS C 34 -7.05 -28.86 6.05
N ILE C 35 -6.32 -29.49 6.97
CA ILE C 35 -5.02 -28.98 7.39
C ILE C 35 -4.00 -30.11 7.26
N ARG C 36 -2.92 -29.87 6.53
CA ARG C 36 -1.93 -30.92 6.26
C ARG C 36 -0.92 -31.13 7.38
N LEU C 37 -1.03 -32.25 8.08
CA LEU C 37 -0.02 -32.64 9.06
C LEU C 37 1.17 -33.31 8.38
N ASP C 38 0.92 -33.98 7.26
CA ASP C 38 1.94 -34.81 6.60
C ASP C 38 3.13 -34.02 6.09
N THR C 39 2.90 -32.80 5.62
CA THR C 39 3.98 -31.93 5.20
C THR C 39 4.53 -31.21 6.42
N GLU C 40 3.97 -31.55 7.58
CA GLU C 40 4.47 -31.08 8.87
C GLU C 40 5.30 -32.17 9.56
N THR C 41 6.61 -31.95 9.62
CA THR C 41 7.46 -32.81 10.43
C THR C 41 7.54 -32.20 11.81
N GLU C 42 6.76 -31.14 12.01
CA GLU C 42 6.62 -30.50 13.30
C GLU C 42 5.35 -30.90 14.04
N GLY C 43 4.55 -31.80 13.46
CA GLY C 43 3.30 -32.23 14.07
C GLY C 43 2.16 -31.28 13.76
N VAL C 44 1.23 -31.15 14.71
CA VAL C 44 0.08 -30.25 14.55
C VAL C 44 0.50 -28.78 14.59
N PRO C 45 0.21 -28.01 13.52
CA PRO C 45 0.61 -26.59 13.48
C PRO C 45 0.01 -25.79 14.64
N SER C 46 0.79 -24.92 15.26
CA SER C 46 0.33 -24.13 16.41
C SER C 46 -0.85 -23.25 16.01
N THR C 47 -0.91 -22.92 14.74
CA THR C 47 -2.04 -22.16 14.22
C THR C 47 -3.36 -22.96 14.34
N ALA C 48 -3.30 -24.28 14.11
CA ALA C 48 -4.48 -25.14 14.26
C ALA C 48 -4.78 -25.41 15.74
N ILE C 49 -3.75 -25.57 16.54
CA ILE C 49 -3.91 -25.79 17.97
C ILE C 49 -4.61 -24.59 18.65
N ARG C 50 -4.26 -23.38 18.25
CA ARG C 50 -4.88 -22.18 18.78
C ARG C 50 -6.30 -22.01 18.24
N GLU C 51 -6.46 -22.22 16.93
CA GLU C 51 -7.76 -22.09 16.28
C GLU C 51 -8.80 -22.98 16.95
N ILE C 52 -8.45 -24.24 17.17
CA ILE C 52 -9.38 -25.21 17.75
C ILE C 52 -9.65 -24.95 19.24
N SER C 53 -8.59 -24.82 20.04
CA SER C 53 -8.77 -24.65 21.49
C SER C 53 -9.55 -23.38 21.82
N LEU C 54 -9.34 -22.32 21.04
CA LEU C 54 -10.01 -21.05 21.30
C LEU C 54 -11.47 -21.03 20.77
N LEU C 55 -11.69 -21.60 19.59
CA LEU C 55 -13.05 -21.69 19.06
C LEU C 55 -13.97 -22.50 19.97
N LYS C 56 -13.43 -23.54 20.60
CA LYS C 56 -14.25 -24.42 21.43
C LYS C 56 -14.80 -23.67 22.64
N GLU C 57 -14.07 -22.66 23.10
CA GLU C 57 -14.56 -21.86 24.22
C GLU C 57 -15.46 -20.69 23.81
N LEU C 58 -15.48 -20.35 22.52
CA LEU C 58 -16.23 -19.17 22.10
C LEU C 58 -17.56 -19.57 21.47
N ASN C 59 -18.62 -19.46 22.28
CA ASN C 59 -19.93 -19.88 21.84
C ASN C 59 -20.84 -18.67 21.83
N HIS C 60 -21.11 -18.15 20.63
CA HIS C 60 -21.85 -16.91 20.47
C HIS C 60 -22.48 -16.90 19.09
N PRO C 61 -23.66 -16.26 18.95
CA PRO C 61 -24.38 -16.10 17.68
C PRO C 61 -23.54 -15.47 16.55
N ASN C 62 -22.64 -14.57 16.95
CA ASN C 62 -21.80 -13.83 16.00
C ASN C 62 -20.39 -14.37 15.79
N ILE C 63 -20.14 -15.56 16.32
CA ILE C 63 -18.89 -16.28 16.09
C ILE C 63 -19.18 -17.62 15.40
N VAL C 64 -18.51 -17.89 14.29
CA VAL C 64 -18.77 -19.11 13.53
C VAL C 64 -18.66 -20.34 14.47
N LYS C 65 -19.47 -21.38 14.22
CA LYS C 65 -19.51 -22.55 15.11
C LYS C 65 -18.63 -23.65 14.60
N LEU C 66 -17.75 -24.15 15.46
CA LEU C 66 -16.95 -25.32 15.12
C LEU C 66 -17.80 -26.53 15.54
N LEU C 67 -18.22 -27.31 14.55
CA LEU C 67 -19.07 -28.47 14.79
C LEU C 67 -18.29 -29.70 15.21
N ASP C 68 -17.13 -29.92 14.58
CA ASP C 68 -16.38 -31.13 14.86
C ASP C 68 -14.90 -30.99 14.50
N VAL C 69 -14.08 -31.85 15.09
CA VAL C 69 -12.66 -31.93 14.72
C VAL C 69 -12.33 -33.39 14.46
N ILE C 70 -11.74 -33.66 13.30
CA ILE C 70 -11.36 -35.02 12.95
C ILE C 70 -9.85 -35.09 12.82
N HIS C 71 -9.19 -35.74 13.78
CA HIS C 71 -7.73 -35.75 13.82
C HIS C 71 -7.20 -37.14 13.52
N THR C 72 -6.63 -37.29 12.33
CA THR C 72 -6.00 -38.54 11.92
C THR C 72 -4.49 -38.37 11.93
N GLU C 73 -3.77 -39.39 11.47
CA GLU C 73 -2.32 -39.29 11.36
C GLU C 73 -1.90 -38.28 10.31
N ASN C 74 -2.42 -38.41 9.10
CA ASN C 74 -1.96 -37.61 7.98
C ASN C 74 -2.66 -36.27 7.79
N LYS C 75 -3.81 -36.07 8.45
CA LYS C 75 -4.62 -34.88 8.19
C LYS C 75 -5.45 -34.46 9.41
N LEU C 76 -5.88 -33.19 9.38
CA LEU C 76 -6.70 -32.62 10.44
C LEU C 76 -7.83 -31.87 9.74
N TYR C 77 -9.08 -32.19 10.05
CA TYR C 77 -10.23 -31.51 9.45
C TYR C 77 -10.98 -30.74 10.51
N LEU C 78 -11.26 -29.47 10.25
CA LEU C 78 -12.17 -28.73 11.08
C LEU C 78 -13.49 -28.65 10.34
N VAL C 79 -14.58 -28.97 11.02
CA VAL C 79 -15.91 -28.92 10.41
C VAL C 79 -16.69 -27.77 11.05
N PHE C 80 -17.09 -26.79 10.24
CA PHE C 80 -17.81 -25.59 10.68
C PHE C 80 -19.22 -25.56 10.12
N GLU C 81 -20.11 -24.83 10.76
CA GLU C 81 -21.41 -24.54 10.16
C GLU C 81 -21.12 -23.80 8.86
N PHE C 82 -21.93 -24.05 7.83
CA PHE C 82 -21.76 -23.38 6.53
C PHE C 82 -22.58 -22.09 6.47
N LEU C 83 -21.94 -21.01 6.00
CA LEU C 83 -22.67 -19.75 5.81
C LEU C 83 -22.58 -19.32 4.36
N HIS C 84 -23.60 -18.60 3.90
CA HIS C 84 -23.73 -18.28 2.49
C HIS C 84 -22.43 -17.74 1.87
N GLN C 85 -21.84 -16.70 2.45
CA GLN C 85 -20.58 -16.20 1.91
C GLN C 85 -19.83 -15.24 2.85
N ASP C 86 -18.62 -14.87 2.46
CA ASP C 86 -17.83 -13.89 3.22
C ASP C 86 -18.20 -12.47 2.81
N LEU C 87 -17.93 -11.51 3.70
CA LEU C 87 -18.31 -10.12 3.51
C LEU C 87 -17.56 -9.46 2.33
N LYS C 88 -16.40 -9.99 1.96
CA LYS C 88 -15.68 -9.46 0.79
C LYS C 88 -16.52 -9.69 -0.47
N LYS C 89 -16.89 -10.95 -0.73
CA LYS C 89 -17.71 -11.29 -1.88
C LYS C 89 -18.99 -10.45 -1.89
N PHE C 90 -19.59 -10.27 -0.71
CA PHE C 90 -20.81 -9.46 -0.61
C PHE C 90 -20.55 -8.01 -1.02
N MET C 91 -19.42 -7.47 -0.56
CA MET C 91 -19.04 -6.09 -0.85
C MET C 91 -18.81 -5.92 -2.35
N ASP C 92 -18.17 -6.89 -2.98
CA ASP C 92 -17.91 -6.83 -4.42
C ASP C 92 -19.22 -6.87 -5.19
N ALA C 93 -20.17 -7.67 -4.71
CA ALA C 93 -21.46 -7.78 -5.38
C ALA C 93 -22.26 -6.48 -5.19
N SER C 94 -21.95 -5.76 -4.12
CA SER C 94 -22.66 -4.51 -3.78
C SER C 94 -21.90 -3.27 -4.26
N ALA C 95 -20.81 -3.45 -4.98
CA ALA C 95 -19.94 -2.33 -5.37
C ALA C 95 -20.70 -1.25 -6.14
N LEU C 96 -21.62 -1.66 -7.02
CA LEU C 96 -22.39 -0.73 -7.82
C LEU C 96 -23.53 -0.12 -7.01
N THR C 97 -24.27 -0.97 -6.30
CA THR C 97 -25.47 -0.56 -5.57
C THR C 97 -25.21 0.24 -4.30
N GLY C 98 -24.34 -0.29 -3.45
CA GLY C 98 -24.14 0.25 -2.13
C GLY C 98 -24.89 -0.63 -1.14
N ILE C 99 -24.35 -0.74 0.07
CA ILE C 99 -25.01 -1.51 1.12
C ILE C 99 -25.90 -0.56 1.93
N PRO C 100 -27.19 -0.87 2.02
CA PRO C 100 -28.13 0.01 2.71
C PRO C 100 -27.65 0.37 4.12
N LEU C 101 -27.88 1.61 4.52
CA LEU C 101 -27.35 2.11 5.79
C LEU C 101 -27.81 1.27 6.97
N PRO C 102 -29.10 0.88 7.00
CA PRO C 102 -29.58 0.02 8.11
C PRO C 102 -28.88 -1.34 8.19
N LEU C 103 -28.38 -1.86 7.06
CA LEU C 103 -27.68 -3.13 7.05
C LEU C 103 -26.22 -2.99 7.53
N ILE C 104 -25.56 -1.90 7.11
CA ILE C 104 -24.20 -1.61 7.58
C ILE C 104 -24.19 -1.46 9.09
N LYS C 105 -25.20 -0.80 9.63
CA LYS C 105 -25.32 -0.61 11.07
C LYS C 105 -25.60 -1.93 11.79
N SER C 106 -26.42 -2.79 11.19
CA SER C 106 -26.71 -4.10 11.75
C SER C 106 -25.45 -4.95 11.82
N TYR C 107 -24.71 -4.99 10.71
CA TYR C 107 -23.49 -5.78 10.61
C TYR C 107 -22.40 -5.30 11.57
N LEU C 108 -22.29 -3.99 11.75
CA LEU C 108 -21.27 -3.45 12.63
C LEU C 108 -21.65 -3.75 14.07
N PHE C 109 -22.95 -3.70 14.36
CA PHE C 109 -23.46 -3.96 15.71
C PHE C 109 -23.16 -5.40 16.10
N GLN C 110 -23.35 -6.29 15.14
CA GLN C 110 -23.18 -7.72 15.36
C GLN C 110 -21.71 -8.10 15.50
N LEU C 111 -20.88 -7.55 14.61
CA LEU C 111 -19.43 -7.75 14.67
C LEU C 111 -18.91 -7.27 16.01
N LEU C 112 -19.41 -6.13 16.49
CA LEU C 112 -19.01 -5.59 17.78
C LEU C 112 -19.42 -6.51 18.94
N GLN C 113 -20.56 -7.20 18.81
CA GLN C 113 -21.02 -8.08 19.87
C GLN C 113 -20.16 -9.34 19.92
N GLY C 114 -19.78 -9.85 18.75
CA GLY C 114 -18.90 -11.01 18.66
C GLY C 114 -17.53 -10.68 19.22
N LEU C 115 -17.03 -9.49 18.89
CA LEU C 115 -15.70 -9.07 19.30
C LEU C 115 -15.67 -8.85 20.81
N ALA C 116 -16.70 -8.21 21.36
CA ALA C 116 -16.75 -7.94 22.79
C ALA C 116 -16.76 -9.26 23.57
N PHE C 117 -17.39 -10.28 22.99
CA PHE C 117 -17.40 -11.60 23.58
C PHE C 117 -15.99 -12.18 23.57
N CYS C 118 -15.32 -12.14 22.42
CA CYS C 118 -13.94 -12.60 22.32
C CYS C 118 -13.09 -11.96 23.43
N HIS C 119 -13.17 -10.64 23.54
CA HIS C 119 -12.32 -9.90 24.46
C HIS C 119 -12.65 -10.20 25.93
N SER C 120 -13.93 -10.37 26.25
CA SER C 120 -14.34 -10.75 27.61
C SER C 120 -13.87 -12.16 27.98
N HIS C 121 -13.58 -12.94 26.95
CA HIS C 121 -13.05 -14.27 27.10
C HIS C 121 -11.53 -14.33 26.88
N ARG C 122 -10.90 -13.17 26.86
CA ARG C 122 -9.44 -13.03 26.76
C ARG C 122 -8.88 -13.65 25.48
N VAL C 123 -9.59 -13.48 24.37
CA VAL C 123 -9.08 -13.81 23.05
C VAL C 123 -8.92 -12.56 22.14
N LEU C 124 -7.75 -12.41 21.53
CA LEU C 124 -7.52 -11.44 20.46
C LEU C 124 -7.72 -12.16 19.16
N HIS C 125 -8.49 -11.57 18.24
CA HIS C 125 -8.66 -12.18 16.95
C HIS C 125 -7.47 -11.98 16.02
N ARG C 126 -7.06 -10.74 15.85
CA ARG C 126 -5.85 -10.40 15.10
C ARG C 126 -5.84 -10.61 13.61
N ASP C 127 -6.93 -11.02 13.03
CA ASP C 127 -7.03 -11.06 11.60
C ASP C 127 -8.37 -10.63 11.10
N LEU C 128 -8.94 -9.61 11.68
CA LEU C 128 -10.22 -9.16 11.22
C LEU C 128 -10.11 -8.46 9.87
N LYS C 129 -10.67 -9.05 8.84
CA LYS C 129 -10.77 -8.46 7.50
C LYS C 129 -12.04 -9.00 6.82
N PRO C 130 -12.57 -8.32 5.78
CA PRO C 130 -13.85 -8.80 5.22
C PRO C 130 -13.90 -10.26 4.79
N GLN C 131 -12.83 -10.86 4.29
CA GLN C 131 -12.94 -12.28 3.87
C GLN C 131 -13.00 -13.27 5.05
N ASN C 132 -12.67 -12.80 6.24
CA ASN C 132 -12.79 -13.60 7.44
C ASN C 132 -14.08 -13.36 8.21
N LEU C 133 -14.99 -12.61 7.60
CA LEU C 133 -16.29 -12.36 8.20
C LEU C 133 -17.37 -13.04 7.34
N LEU C 134 -18.30 -13.76 7.97
CA LEU C 134 -19.26 -14.59 7.25
C LEU C 134 -20.70 -14.11 7.45
N ILE C 135 -21.46 -14.04 6.36
CA ILE C 135 -22.87 -13.68 6.41
C ILE C 135 -23.77 -14.84 5.92
N ASN C 136 -24.94 -14.97 6.54
CA ASN C 136 -25.99 -15.90 6.08
C ASN C 136 -27.12 -15.14 5.39
N THR C 137 -28.15 -15.85 4.97
CA THR C 137 -29.24 -15.25 4.20
C THR C 137 -30.26 -14.52 5.07
N GLU C 138 -30.23 -14.72 6.39
CA GLU C 138 -31.20 -14.10 7.27
C GLU C 138 -30.75 -12.79 7.90
N GLY C 139 -29.57 -12.29 7.52
CA GLY C 139 -29.09 -11.01 8.00
C GLY C 139 -28.07 -11.06 9.13
N ALA C 140 -27.59 -12.26 9.43
CA ALA C 140 -26.54 -12.44 10.44
C ALA C 140 -25.12 -12.34 9.85
N ILE C 141 -24.19 -11.83 10.65
CA ILE C 141 -22.77 -11.84 10.27
C ILE C 141 -21.95 -12.38 11.46
N LYS C 142 -20.88 -13.11 11.17
CA LYS C 142 -20.10 -13.79 12.24
C LYS C 142 -18.60 -13.70 12.04
N LEU C 143 -17.86 -13.55 13.12
CA LEU C 143 -16.39 -13.63 13.04
C LEU C 143 -15.98 -15.05 12.66
N ALA C 144 -15.04 -15.20 11.76
CA ALA C 144 -14.45 -16.46 11.43
C ALA C 144 -12.93 -16.38 11.33
N ASP C 145 -12.28 -17.42 10.87
CA ASP C 145 -10.83 -17.53 10.81
C ASP C 145 -10.03 -17.09 12.04
N PHE C 146 -9.97 -17.95 13.04
CA PHE C 146 -9.35 -17.72 14.31
C PHE C 146 -7.93 -18.27 14.31
N GLY C 147 -7.43 -18.54 13.12
CA GLY C 147 -6.13 -19.06 12.90
C GLY C 147 -4.97 -18.22 13.38
N LEU C 148 -5.18 -16.94 13.49
CA LEU C 148 -4.20 -16.01 14.06
C LEU C 148 -4.54 -15.60 15.47
N ALA C 149 -5.60 -16.15 16.04
CA ALA C 149 -6.06 -15.69 17.35
C ALA C 149 -5.11 -16.11 18.47
N ARG C 150 -5.23 -15.45 19.62
CA ARG C 150 -4.37 -15.71 20.75
C ARG C 150 -5.12 -15.46 22.05
N ALA C 151 -4.87 -16.27 23.08
CA ALA C 151 -5.36 -15.98 24.42
C ALA C 151 -4.39 -14.98 25.04
N PHE C 152 -4.90 -13.92 25.68
CA PHE C 152 -4.01 -12.90 26.23
C PHE C 152 -4.11 -12.79 27.75
N GLY C 153 -3.04 -12.30 28.39
CA GLY C 153 -3.02 -12.15 29.82
C GLY C 153 -3.38 -10.73 30.22
N VAL C 154 -3.74 -10.55 31.48
CA VAL C 154 -4.00 -9.23 32.02
C VAL C 154 -2.95 -8.93 33.09
N PRO C 155 -2.01 -8.01 32.79
CA PRO C 155 -1.89 -7.28 31.52
C PRO C 155 -1.11 -8.08 30.47
N VAL C 156 -1.05 -7.55 29.26
CA VAL C 156 -0.47 -8.28 28.12
C VAL C 156 1.06 -8.34 28.17
N ARG C 157 1.62 -9.37 27.53
CA ARG C 157 3.05 -9.46 27.25
C ARG C 157 3.29 -8.93 25.84
N THR C 158 4.48 -9.16 25.32
CA THR C 158 4.79 -8.94 23.95
C THR C 158 4.40 -10.16 23.15
N TYR C 159 3.50 -9.97 22.22
CA TYR C 159 3.11 -11.06 21.34
C TYR C 159 3.67 -10.83 19.95
N TPO C 160 3.34 -11.75 19.04
CA TPO C 160 3.92 -11.80 17.70
CB TPO C 160 3.23 -12.89 16.91
CG2 TPO C 160 3.72 -12.85 15.48
OG1 TPO C 160 3.45 -14.15 17.46
P TPO C 160 2.27 -14.99 18.09
O1P TPO C 160 2.82 -16.24 18.73
O2P TPO C 160 1.57 -14.18 19.14
O3P TPO C 160 1.31 -15.39 16.99
C TPO C 160 3.81 -10.50 16.96
O TPO C 160 2.70 -9.91 16.88
N HIS C 161 4.93 -10.05 16.39
CA HIS C 161 4.92 -8.76 15.69
C HIS C 161 4.11 -8.84 14.40
N GLU C 162 4.24 -9.95 13.68
CA GLU C 162 3.61 -10.03 12.36
C GLU C 162 2.21 -10.64 12.52
N VAL C 163 1.25 -9.74 12.57
CA VAL C 163 -0.13 -10.02 12.78
C VAL C 163 -0.95 -8.94 12.10
N VAL C 164 -2.03 -9.39 11.47
CA VAL C 164 -3.04 -8.57 10.82
C VAL C 164 -2.66 -8.23 9.42
N THR C 165 -3.59 -8.40 8.58
CA THR C 165 -3.38 -8.13 7.17
C THR C 165 -3.13 -6.64 6.98
N LEU C 166 -2.19 -6.30 6.09
CA LEU C 166 -1.63 -4.95 6.03
C LEU C 166 -2.67 -3.82 6.04
N TRP C 167 -3.69 -3.91 5.18
CA TRP C 167 -4.69 -2.84 5.06
C TRP C 167 -5.44 -2.58 6.37
N TYR C 168 -5.54 -3.61 7.20
CA TYR C 168 -6.34 -3.56 8.44
C TYR C 168 -5.48 -3.38 9.68
N ARG C 169 -4.18 -3.27 9.48
CA ARG C 169 -3.21 -3.27 10.57
C ARG C 169 -3.13 -1.94 11.31
N ALA C 170 -3.19 -1.99 12.64
CA ALA C 170 -3.20 -0.79 13.48
C ALA C 170 -1.84 -0.07 13.54
N PRO C 171 -1.86 1.26 13.79
CA PRO C 171 -0.62 2.04 13.76
C PRO C 171 0.38 1.64 14.84
N GLU C 172 -0.08 1.23 16.02
CA GLU C 172 0.85 0.83 17.07
C GLU C 172 1.65 -0.42 16.68
N ILE C 173 1.08 -1.27 15.82
CA ILE C 173 1.82 -2.42 15.29
C ILE C 173 2.84 -2.00 14.21
N LEU C 174 2.42 -1.13 13.30
CA LEU C 174 3.30 -0.63 12.23
C LEU C 174 4.51 0.11 12.81
N LEU C 175 4.28 0.82 13.91
CA LEU C 175 5.32 1.61 14.56
C LEU C 175 6.12 0.75 15.55
N GLY C 176 5.76 -0.53 15.66
CA GLY C 176 6.59 -1.51 16.34
C GLY C 176 6.49 -1.55 17.85
N CYS C 177 5.36 -1.14 18.40
CA CYS C 177 5.15 -1.25 19.85
C CYS C 177 5.37 -2.70 20.27
N LYS C 178 6.04 -2.90 21.40
CA LYS C 178 6.26 -4.26 21.89
C LYS C 178 4.98 -4.84 22.48
N TYR C 179 4.13 -3.97 23.06
CA TYR C 179 2.85 -4.37 23.62
C TYR C 179 1.69 -3.88 22.75
N TYR C 180 0.79 -4.79 22.40
CA TYR C 180 -0.52 -4.44 21.85
C TYR C 180 -1.60 -5.37 22.42
N SER C 181 -2.84 -4.97 22.24
CA SER C 181 -3.95 -5.63 22.84
C SER C 181 -5.23 -5.56 22.01
N THR C 182 -6.35 -5.51 22.70
CA THR C 182 -7.66 -5.59 22.13
C THR C 182 -7.91 -4.47 21.13
N ALA C 183 -7.23 -3.37 21.33
CA ALA C 183 -7.44 -2.20 20.47
C ALA C 183 -7.11 -2.49 19.00
N VAL C 184 -6.24 -3.46 18.71
CA VAL C 184 -5.90 -3.71 17.31
C VAL C 184 -7.11 -4.27 16.58
N ASP C 185 -7.99 -4.98 17.30
CA ASP C 185 -9.21 -5.53 16.70
C ASP C 185 -10.24 -4.44 16.43
N ILE C 186 -10.32 -3.45 17.33
CA ILE C 186 -11.21 -2.32 17.14
C ILE C 186 -10.77 -1.51 15.92
N TRP C 187 -9.47 -1.33 15.75
CA TRP C 187 -8.94 -0.61 14.58
C TRP C 187 -9.37 -1.30 13.28
N SER C 188 -9.23 -2.62 13.21
CA SER C 188 -9.61 -3.38 12.01
C SER C 188 -11.09 -3.23 11.67
N LEU C 189 -11.94 -3.28 12.69
CA LEU C 189 -13.38 -3.07 12.50
C LEU C 189 -13.68 -1.64 12.03
N GLY C 190 -12.97 -0.67 12.58
CA GLY C 190 -13.10 0.70 12.09
C GLY C 190 -12.86 0.78 10.59
N CYS C 191 -11.80 0.13 10.12
CA CYS C 191 -11.46 0.13 8.71
C CYS C 191 -12.55 -0.55 7.90
N ILE C 192 -13.13 -1.62 8.48
CA ILE C 192 -14.13 -2.41 7.77
C ILE C 192 -15.44 -1.61 7.71
N PHE C 193 -15.76 -0.90 8.78
CA PHE C 193 -16.91 -0.01 8.86
C PHE C 193 -16.84 1.04 7.73
N ALA C 194 -15.70 1.70 7.61
CA ALA C 194 -15.50 2.70 6.57
C ALA C 194 -15.62 2.07 5.19
N GLU C 195 -15.08 0.87 5.04
CA GLU C 195 -15.08 0.19 3.76
C GLU C 195 -16.49 -0.15 3.30
N MET C 196 -17.37 -0.48 4.24
CA MET C 196 -18.76 -0.77 3.91
C MET C 196 -19.45 0.50 3.44
N VAL C 197 -19.20 1.60 4.15
CA VAL C 197 -19.84 2.87 3.85
C VAL C 197 -19.44 3.40 2.47
N THR C 198 -18.14 3.40 2.17
CA THR C 198 -17.63 4.00 0.94
C THR C 198 -17.41 3.00 -0.20
N ARG C 199 -17.62 1.72 0.06
CA ARG C 199 -17.38 0.72 -0.96
C ARG C 199 -15.92 0.68 -1.41
N ARG C 200 -15.01 1.11 -0.55
CA ARG C 200 -13.59 1.10 -0.89
C ARG C 200 -12.74 0.88 0.35
N ALA C 201 -11.65 0.12 0.21
CA ALA C 201 -10.69 -0.02 1.32
C ALA C 201 -10.25 1.36 1.80
N LEU C 202 -10.30 1.60 3.10
CA LEU C 202 -9.94 2.91 3.65
C LEU C 202 -8.45 3.22 3.49
N PHE C 203 -7.58 2.27 3.82
CA PHE C 203 -6.12 2.45 3.76
C PHE C 203 -5.48 1.29 3.00
N PRO C 204 -5.53 1.34 1.66
CA PRO C 204 -5.00 0.25 0.84
C PRO C 204 -3.48 0.32 0.59
N GLY C 205 -2.69 0.18 1.65
CA GLY C 205 -1.23 0.24 1.55
C GLY C 205 -0.61 -0.92 0.79
N ASP C 206 0.40 -0.64 -0.03
CA ASP C 206 1.19 -1.66 -0.71
C ASP C 206 2.53 -1.95 -0.01
N SER C 207 2.78 -1.31 1.13
CA SER C 207 3.90 -1.67 1.99
C SER C 207 3.65 -1.10 3.38
N GLU C 208 4.56 -1.38 4.31
CA GLU C 208 4.39 -0.92 5.69
C GLU C 208 4.50 0.60 5.82
N ILE C 209 5.47 1.20 5.13
CA ILE C 209 5.62 2.65 5.16
C ILE C 209 4.46 3.30 4.41
N ASP C 210 4.07 2.72 3.28
CA ASP C 210 2.95 3.25 2.51
C ASP C 210 1.66 3.20 3.33
N GLN C 211 1.49 2.11 4.06
CA GLN C 211 0.31 1.91 4.91
C GLN C 211 0.27 3.03 5.94
N LEU C 212 1.42 3.24 6.58
CA LEU C 212 1.58 4.26 7.61
C LEU C 212 1.24 5.65 7.08
N PHE C 213 1.73 5.98 5.89
CA PHE C 213 1.53 7.32 5.33
C PHE C 213 0.10 7.54 4.89
N ARG C 214 -0.53 6.48 4.38
CA ARG C 214 -1.94 6.57 4.02
C ARG C 214 -2.76 6.88 5.26
N ILE C 215 -2.43 6.25 6.38
CA ILE C 215 -3.13 6.55 7.63
C ILE C 215 -2.88 8.00 8.06
N PHE C 216 -1.63 8.46 7.99
CA PHE C 216 -1.27 9.82 8.43
C PHE C 216 -1.97 10.87 7.58
N ARG C 217 -2.06 10.60 6.28
CA ARG C 217 -2.61 11.57 5.35
C ARG C 217 -4.08 11.78 5.61
N THR C 218 -4.75 10.73 6.10
CA THR C 218 -6.15 10.82 6.45
C THR C 218 -6.45 11.35 7.86
N LEU C 219 -5.74 10.83 8.84
CA LEU C 219 -6.02 11.12 10.24
C LEU C 219 -5.09 12.19 10.81
N GLY C 220 -4.15 12.62 9.99
CA GLY C 220 -3.11 13.57 10.41
C GLY C 220 -1.94 12.82 11.03
N THR C 221 -0.74 13.38 10.92
CA THR C 221 0.43 12.74 11.50
C THR C 221 0.35 12.88 13.02
N PRO C 222 0.48 11.75 13.76
CA PRO C 222 0.30 11.84 15.21
C PRO C 222 1.48 12.52 15.87
N ASP C 223 1.21 13.31 16.92
CA ASP C 223 2.28 13.91 17.69
C ASP C 223 2.09 13.52 19.13
N GLU C 224 2.97 14.04 20.00
CA GLU C 224 2.98 13.66 21.41
C GLU C 224 1.73 14.14 22.16
N VAL C 225 1.01 15.08 21.59
CA VAL C 225 -0.21 15.58 22.21
C VAL C 225 -1.39 14.62 22.02
N VAL C 226 -1.62 14.16 20.78
CA VAL C 226 -2.72 13.22 20.53
C VAL C 226 -2.34 11.78 20.90
N TRP C 227 -1.05 11.47 20.86
CA TRP C 227 -0.57 10.12 21.18
C TRP C 227 0.72 10.17 21.99
N PRO C 228 0.60 10.41 23.30
CA PRO C 228 1.80 10.44 24.13
C PRO C 228 2.64 9.20 23.95
N GLY C 229 3.94 9.38 23.77
CA GLY C 229 4.86 8.27 23.61
C GLY C 229 5.16 7.91 22.17
N VAL C 230 4.43 8.50 21.22
CA VAL C 230 4.51 8.03 19.84
C VAL C 230 5.88 8.27 19.22
N THR C 231 6.50 9.41 19.53
CA THR C 231 7.81 9.73 18.94
C THR C 231 8.92 8.88 19.55
N SER C 232 8.59 8.13 20.61
CA SER C 232 9.57 7.25 21.25
C SER C 232 9.47 5.81 20.76
N MET C 233 8.57 5.55 19.83
CA MET C 233 8.33 4.18 19.38
C MET C 233 9.42 3.71 18.42
N PRO C 234 9.68 2.40 18.41
CA PRO C 234 10.84 1.82 17.71
C PRO C 234 10.92 2.20 16.23
N ASP C 235 9.82 2.15 15.50
CA ASP C 235 9.87 2.44 14.07
C ASP C 235 9.44 3.87 13.72
N TYR C 236 9.14 4.69 14.72
CA TYR C 236 8.82 6.10 14.49
C TYR C 236 10.07 6.81 13.99
N LYS C 237 9.91 7.73 13.03
CA LYS C 237 11.02 8.61 12.61
C LYS C 237 10.59 10.08 12.67
N PRO C 238 11.45 10.95 13.22
CA PRO C 238 11.07 12.38 13.29
C PRO C 238 10.99 13.03 11.91
N SER C 239 11.52 12.37 10.88
CA SER C 239 11.50 12.89 9.53
C SER C 239 10.18 12.59 8.79
N PHE C 240 9.24 11.89 9.43
CA PHE C 240 7.93 11.63 8.82
C PHE C 240 7.29 12.95 8.39
N PRO C 241 6.68 13.01 7.20
CA PRO C 241 5.99 14.25 6.86
C PRO C 241 4.86 14.52 7.84
N LYS C 242 4.59 15.79 8.15
CA LYS C 242 3.49 16.11 9.05
C LYS C 242 2.30 16.55 8.21
N TRP C 243 1.26 15.71 8.15
CA TRP C 243 0.05 16.07 7.43
C TRP C 243 -1.01 16.47 8.44
N ALA C 244 -2.07 17.07 7.95
CA ALA C 244 -3.12 17.55 8.83
C ALA C 244 -4.29 16.61 8.66
N ARG C 245 -5.01 16.41 9.76
CA ARG C 245 -6.19 15.56 9.75
C ARG C 245 -7.26 16.10 8.78
N GLN C 246 -7.76 15.24 7.89
CA GLN C 246 -8.87 15.59 7.00
C GLN C 246 -10.19 15.61 7.76
N ASP C 247 -11.18 16.30 7.21
CA ASP C 247 -12.50 16.30 7.80
C ASP C 247 -13.23 15.03 7.37
N PHE C 248 -13.96 14.43 8.30
CA PHE C 248 -14.61 13.15 8.01
C PHE C 248 -15.71 13.28 6.97
N SER C 249 -16.17 14.49 6.71
CA SER C 249 -17.12 14.70 5.62
C SER C 249 -16.43 14.38 4.29
N LYS C 250 -15.12 14.52 4.28
CA LYS C 250 -14.30 14.17 3.12
C LYS C 250 -14.08 12.66 3.07
N VAL C 251 -13.86 12.06 4.24
CA VAL C 251 -13.45 10.65 4.32
C VAL C 251 -14.61 9.65 4.13
N VAL C 252 -15.71 9.86 4.87
CA VAL C 252 -16.89 9.00 4.76
C VAL C 252 -18.12 9.86 4.46
N PRO C 253 -18.26 10.28 3.21
CA PRO C 253 -19.33 11.22 2.85
C PRO C 253 -20.73 10.76 3.30
N PRO C 254 -21.10 9.50 3.06
CA PRO C 254 -22.45 9.02 3.42
C PRO C 254 -22.79 8.97 4.91
N LEU C 255 -21.81 9.04 5.81
CA LEU C 255 -22.07 8.87 7.24
C LEU C 255 -22.66 10.09 7.96
N ASP C 256 -23.68 9.86 8.77
CA ASP C 256 -24.29 10.89 9.61
C ASP C 256 -23.34 11.26 10.77
N GLU C 257 -23.78 12.19 11.62
CA GLU C 257 -22.90 12.69 12.67
C GLU C 257 -22.56 11.62 13.71
N ASP C 258 -23.52 10.76 14.04
CA ASP C 258 -23.28 9.69 15.01
C ASP C 258 -22.30 8.66 14.44
N GLY C 259 -22.41 8.40 13.14
CA GLY C 259 -21.57 7.40 12.51
C GLY C 259 -20.13 7.88 12.47
N ARG C 260 -19.96 9.16 12.15
CA ARG C 260 -18.63 9.76 12.08
C ARG C 260 -17.99 9.78 13.46
N SER C 261 -18.79 10.01 14.49
CA SER C 261 -18.31 10.08 15.87
C SER C 261 -17.80 8.69 16.31
N LEU C 262 -18.57 7.65 16.00
CA LEU C 262 -18.16 6.30 16.36
C LEU C 262 -16.90 5.90 15.59
N LEU C 263 -16.87 6.14 14.28
CA LEU C 263 -15.73 5.73 13.47
C LEU C 263 -14.45 6.38 13.97
N SER C 264 -14.53 7.65 14.32
CA SER C 264 -13.33 8.37 14.76
C SER C 264 -12.84 7.83 16.11
N GLN C 265 -13.74 7.39 16.98
CA GLN C 265 -13.31 6.77 18.23
C GLN C 265 -12.70 5.37 18.03
N MET C 266 -13.12 4.67 16.99
CA MET C 266 -12.54 3.37 16.62
C MET C 266 -11.19 3.54 15.92
N LEU C 267 -10.96 4.70 15.31
CA LEU C 267 -9.67 5.03 14.69
C LEU C 267 -8.74 5.94 15.51
N HIS C 268 -9.09 6.19 16.78
CA HIS C 268 -8.22 6.95 17.68
C HIS C 268 -6.80 6.36 17.61
N TYR C 269 -5.79 7.23 17.59
CA TYR C 269 -4.39 6.80 17.47
C TYR C 269 -3.88 6.08 18.71
N ASP C 270 -4.12 6.68 19.86
CA ASP C 270 -3.64 6.14 21.12
C ASP C 270 -4.45 4.90 21.49
N PRO C 271 -3.82 3.72 21.48
CA PRO C 271 -4.60 2.50 21.78
C PRO C 271 -5.34 2.60 23.11
N ASN C 272 -4.79 3.34 24.07
CA ASN C 272 -5.39 3.44 25.39
C ASN C 272 -6.70 4.22 25.39
N LYS C 273 -6.83 5.16 24.46
CA LYS C 273 -8.05 5.95 24.36
C LYS C 273 -9.00 5.43 23.28
N ARG C 274 -8.56 4.46 22.49
CA ARG C 274 -9.39 3.92 21.42
C ARG C 274 -10.60 3.21 22.04
N ILE C 275 -11.78 3.39 21.44
CA ILE C 275 -13.01 2.84 22.00
C ILE C 275 -12.98 1.30 22.06
N SER C 276 -13.46 0.75 23.17
CA SER C 276 -13.60 -0.70 23.35
C SER C 276 -14.86 -1.19 22.65
N ALA C 277 -14.93 -2.48 22.32
CA ALA C 277 -16.13 -3.08 21.72
C ALA C 277 -17.38 -2.86 22.59
N LYS C 278 -17.24 -3.05 23.91
CA LYS C 278 -18.35 -2.87 24.85
C LYS C 278 -18.93 -1.46 24.77
N ALA C 279 -18.06 -0.47 24.82
CA ALA C 279 -18.47 0.93 24.75
C ALA C 279 -19.03 1.31 23.38
N ALA C 280 -18.53 0.69 22.32
CA ALA C 280 -19.00 0.98 20.97
C ALA C 280 -20.46 0.59 20.86
N LEU C 281 -20.81 -0.53 21.49
CA LEU C 281 -22.18 -1.04 21.44
C LEU C 281 -23.18 -0.07 22.08
N ALA C 282 -22.69 0.78 22.97
CA ALA C 282 -23.55 1.71 23.71
C ALA C 282 -23.60 3.09 23.06
N HIS C 283 -22.93 3.21 21.92
CA HIS C 283 -22.86 4.48 21.18
C HIS C 283 -24.22 4.84 20.55
N PRO C 284 -24.59 6.13 20.57
CA PRO C 284 -25.88 6.55 19.99
C PRO C 284 -26.12 6.08 18.55
N PHE C 285 -25.06 5.82 17.81
CA PHE C 285 -25.20 5.37 16.43
C PHE C 285 -26.11 4.14 16.34
N PHE C 286 -26.17 3.35 17.41
CA PHE C 286 -26.89 2.08 17.39
C PHE C 286 -28.30 2.10 17.99
N GLN C 287 -28.79 3.26 18.39
CA GLN C 287 -30.07 3.32 19.09
C GLN C 287 -31.26 2.83 18.26
N ASP C 288 -31.21 3.03 16.95
CA ASP C 288 -32.29 2.59 16.06
C ASP C 288 -32.03 1.22 15.42
N VAL C 289 -30.95 0.55 15.79
CA VAL C 289 -30.48 -0.61 15.04
C VAL C 289 -31.58 -1.68 14.83
N THR C 290 -31.68 -2.15 13.59
CA THR C 290 -32.59 -3.22 13.22
C THR C 290 -31.77 -4.35 12.61
N LYS C 291 -32.41 -5.45 12.24
CA LYS C 291 -31.70 -6.56 11.61
C LYS C 291 -32.30 -6.86 10.24
N PRO C 292 -31.99 -6.04 9.24
CA PRO C 292 -32.54 -6.25 7.90
C PRO C 292 -31.94 -7.48 7.22
N VAL C 293 -32.60 -7.94 6.16
CA VAL C 293 -32.16 -9.10 5.39
C VAL C 293 -31.32 -8.64 4.22
N PRO C 294 -30.15 -9.25 4.00
CA PRO C 294 -29.33 -8.81 2.85
C PRO C 294 -29.92 -9.30 1.53
N HIS C 295 -29.46 -8.71 0.43
CA HIS C 295 -29.91 -9.11 -0.88
C HIS C 295 -28.79 -9.85 -1.59
N LEU C 296 -29.03 -11.13 -1.85
CA LEU C 296 -27.99 -12.03 -2.35
C LEU C 296 -28.40 -12.64 -3.68
N VAL D 1 -7.63 0.15 33.96
CA VAL D 1 -8.55 -0.98 34.04
C VAL D 1 -9.49 -1.03 32.83
N PRO D 2 -9.13 -1.82 31.80
CA PRO D 2 -10.04 -2.02 30.68
C PRO D 2 -11.38 -2.60 31.15
N ASP D 3 -12.45 -2.42 30.37
CA ASP D 3 -13.78 -2.77 30.85
C ASP D 3 -14.16 -4.24 30.63
N TYR D 4 -13.30 -5.00 29.98
CA TYR D 4 -13.46 -6.45 29.85
C TYR D 4 -12.62 -7.20 30.91
N GLN D 5 -11.95 -6.44 31.77
CA GLN D 5 -11.04 -7.03 32.76
C GLN D 5 -11.74 -7.83 33.84
N GLU D 6 -12.83 -7.29 34.39
CA GLU D 6 -13.60 -7.99 35.40
C GLU D 6 -14.25 -9.25 34.80
N ASP D 7 -14.67 -9.15 33.54
CA ASP D 7 -15.25 -10.29 32.82
C ASP D 7 -14.25 -11.43 32.68
N ILE D 8 -13.01 -11.08 32.34
CA ILE D 8 -11.96 -12.08 32.16
C ILE D 8 -11.69 -12.80 33.48
N HIS D 9 -11.63 -12.06 34.59
CA HIS D 9 -11.39 -12.68 35.89
C HIS D 9 -12.50 -13.67 36.22
N THR D 10 -13.76 -13.25 36.01
CA THR D 10 -14.91 -14.11 36.28
C THR D 10 -14.87 -15.36 35.40
N TYR D 11 -14.53 -15.17 34.12
CA TYR D 11 -14.46 -16.27 33.19
C TYR D 11 -13.39 -17.28 33.63
N LEU D 12 -12.22 -16.78 34.03
CA LEU D 12 -11.12 -17.65 34.39
C LEU D 12 -11.46 -18.42 35.66
N ARG D 13 -12.17 -17.77 36.57
CA ARG D 13 -12.60 -18.45 37.80
C ARG D 13 -13.54 -19.61 37.47
N GLU D 14 -14.31 -19.47 36.40
CA GLU D 14 -15.18 -20.58 35.97
C GLU D 14 -14.38 -21.66 35.24
N MET D 15 -13.43 -21.27 34.40
CA MET D 15 -12.64 -22.25 33.65
C MET D 15 -11.70 -23.06 34.54
N GLU D 16 -11.18 -22.48 35.62
CA GLU D 16 -10.21 -23.21 36.45
C GLU D 16 -10.86 -24.41 37.14
N VAL D 17 -12.17 -24.31 37.37
CA VAL D 17 -12.94 -25.40 37.94
C VAL D 17 -13.18 -26.49 36.89
N LYS D 18 -13.33 -26.11 35.63
CA LYS D 18 -13.52 -27.10 34.56
C LYS D 18 -12.21 -27.77 34.11
N CYS D 19 -11.10 -27.04 34.22
CA CYS D 19 -9.79 -27.55 33.77
C CYS D 19 -8.99 -28.18 34.90
N LYS D 20 -9.60 -28.29 36.07
CA LYS D 20 -8.94 -28.91 37.24
C LYS D 20 -8.76 -30.42 37.05
N PRO D 21 -7.56 -30.94 37.34
CA PRO D 21 -7.32 -32.39 37.37
C PRO D 21 -7.96 -33.05 38.59
N LYS D 22 -8.09 -34.38 38.57
CA LYS D 22 -8.61 -35.15 39.71
C LYS D 22 -7.58 -35.11 40.82
N VAL D 23 -7.98 -34.67 42.00
CA VAL D 23 -7.04 -34.45 43.10
C VAL D 23 -6.32 -35.72 43.57
N GLY D 24 -6.98 -36.87 43.49
CA GLY D 24 -6.41 -38.10 44.02
C GLY D 24 -5.88 -39.06 42.98
N TYR D 25 -5.58 -38.56 41.79
CA TYR D 25 -5.30 -39.45 40.67
C TYR D 25 -4.05 -40.32 40.82
N MET D 26 -3.12 -39.89 41.64
CA MET D 26 -1.86 -40.59 41.74
C MET D 26 -1.99 -41.94 42.49
N LYS D 27 -2.91 -42.01 43.44
CA LYS D 27 -3.25 -43.24 44.09
C LYS D 27 -3.76 -44.27 43.12
N ARG D 28 -4.33 -43.86 42.01
CA ARG D 28 -4.75 -44.82 41.04
C ARG D 28 -3.74 -45.11 39.98
N GLN D 29 -2.61 -44.47 40.01
CA GLN D 29 -1.60 -44.79 39.05
C GLN D 29 -0.84 -45.93 39.62
N PRO D 30 -0.79 -47.05 38.93
CA PRO D 30 -0.04 -48.20 39.45
C PRO D 30 1.48 -48.00 39.54
N ASP D 31 2.10 -47.51 38.47
CA ASP D 31 3.57 -47.46 38.40
C ASP D 31 4.30 -46.15 38.71
N ILE D 32 3.61 -45.05 38.94
CA ILE D 32 4.30 -43.76 39.13
C ILE D 32 3.81 -43.06 40.39
N THR D 33 4.63 -42.17 40.93
CA THR D 33 4.39 -41.60 42.25
C THR D 33 4.53 -40.08 42.26
N ASN D 34 4.12 -39.45 43.36
CA ASN D 34 4.30 -38.01 43.53
C ASN D 34 5.75 -37.60 43.38
N SER D 35 6.65 -38.51 43.70
CA SER D 35 8.06 -38.21 43.66
C SER D 35 8.60 -38.24 42.23
N MET D 36 8.16 -39.19 41.39
CA MET D 36 8.54 -39.20 39.98
C MET D 36 8.01 -37.97 39.25
N ARG D 37 6.81 -37.54 39.66
CA ARG D 37 6.19 -36.34 39.10
C ARG D 37 6.99 -35.08 39.45
N ALA D 38 7.49 -34.99 40.67
CA ALA D 38 8.31 -33.84 41.08
C ALA D 38 9.60 -33.77 40.27
N ILE D 39 10.22 -34.92 40.01
CA ILE D 39 11.45 -34.99 39.22
C ILE D 39 11.19 -34.51 37.79
N LEU D 40 10.03 -34.89 37.24
CA LEU D 40 9.62 -34.51 35.89
C LEU D 40 9.40 -33.01 35.77
N VAL D 41 8.65 -32.44 36.71
CA VAL D 41 8.32 -31.02 36.68
C VAL D 41 9.60 -30.19 36.86
N ASP D 42 10.43 -30.60 37.81
CA ASP D 42 11.70 -29.92 38.06
C ASP D 42 12.54 -29.92 36.76
N TRP D 43 12.53 -31.05 36.07
CA TRP D 43 13.26 -31.18 34.82
C TRP D 43 12.66 -30.25 33.75
N LEU D 44 11.34 -30.08 33.76
CA LEU D 44 10.67 -29.17 32.83
C LEU D 44 11.03 -27.71 33.12
N VAL D 45 11.26 -27.38 34.38
CA VAL D 45 11.75 -26.05 34.75
C VAL D 45 13.08 -25.79 34.06
N GLU D 46 13.98 -26.77 34.09
CA GLU D 46 15.29 -26.60 33.46
C GLU D 46 15.17 -26.51 31.94
N VAL D 47 14.31 -27.33 31.35
CA VAL D 47 14.05 -27.24 29.91
C VAL D 47 13.56 -25.83 29.52
N GLY D 48 12.66 -25.28 30.33
CA GLY D 48 12.15 -23.94 30.11
C GLY D 48 13.28 -22.92 30.11
N GLU D 49 14.22 -23.05 31.05
CA GLU D 49 15.37 -22.14 31.11
C GLU D 49 16.32 -22.29 29.93
N GLU D 50 16.60 -23.53 29.55
CA GLU D 50 17.46 -23.81 28.41
C GLU D 50 16.93 -23.17 27.12
N TYR D 51 15.60 -23.22 26.91
CA TYR D 51 14.98 -22.62 25.72
C TYR D 51 14.40 -21.21 25.92
N LYS D 52 14.61 -20.64 27.11
CA LYS D 52 14.12 -19.30 27.41
C LYS D 52 12.62 -19.18 27.13
N LEU D 53 11.87 -20.18 27.58
CA LEU D 53 10.41 -20.18 27.47
C LEU D 53 9.78 -19.36 28.61
N GLN D 54 8.57 -18.86 28.38
CA GLN D 54 7.80 -18.16 29.40
C GLN D 54 7.45 -19.06 30.58
N ASN D 55 7.31 -18.47 31.76
CA ASN D 55 6.72 -19.13 32.90
C ASN D 55 5.34 -19.71 32.62
N GLU D 56 4.52 -18.97 31.88
CA GLU D 56 3.18 -19.42 31.54
C GLU D 56 3.23 -20.77 30.83
N THR D 57 4.18 -20.92 29.91
CA THR D 57 4.36 -22.18 29.18
C THR D 57 4.60 -23.36 30.12
N LEU D 58 5.44 -23.14 31.13
CA LEU D 58 5.70 -24.12 32.18
C LEU D 58 4.42 -24.48 32.97
N HIS D 59 3.66 -23.48 33.43
CA HIS D 59 2.41 -23.74 34.16
C HIS D 59 1.36 -24.49 33.33
N LEU D 60 1.31 -24.21 32.04
CA LEU D 60 0.35 -24.89 31.16
C LEU D 60 0.73 -26.37 30.96
N ALA D 61 2.02 -26.63 30.78
CA ALA D 61 2.52 -27.98 30.55
C ALA D 61 2.17 -28.85 31.75
N VAL D 62 2.29 -28.30 32.95
CA VAL D 62 1.98 -29.03 34.16
C VAL D 62 0.47 -29.31 34.27
N ASN D 63 -0.34 -28.34 33.88
CA ASN D 63 -1.78 -28.54 33.86
C ASN D 63 -2.13 -29.69 32.90
N TYR D 64 -1.54 -29.68 31.70
CA TYR D 64 -1.78 -30.72 30.70
C TYR D 64 -1.36 -32.08 31.24
N ILE D 65 -0.24 -32.11 31.96
CA ILE D 65 0.30 -33.37 32.45
C ILE D 65 -0.62 -33.98 33.49
N ASP D 66 -1.07 -33.16 34.44
CA ASP D 66 -1.90 -33.64 35.53
C ASP D 66 -3.28 -34.10 35.03
N ARG D 67 -3.82 -33.42 34.03
CA ARG D 67 -5.09 -33.82 33.43
C ARG D 67 -4.93 -35.12 32.64
N PHE D 68 -3.84 -35.24 31.90
CA PHE D 68 -3.60 -36.44 31.12
C PHE D 68 -3.45 -37.66 32.05
N LEU D 69 -2.71 -37.49 33.15
CA LEU D 69 -2.49 -38.57 34.11
C LEU D 69 -3.73 -38.85 34.93
N SER D 70 -4.70 -37.94 34.88
CA SER D 70 -5.97 -38.13 35.56
C SER D 70 -6.83 -39.19 34.89
N SER D 71 -6.83 -39.24 33.55
CA SER D 71 -7.49 -40.34 32.83
C SER D 71 -6.63 -41.49 32.24
N MET D 72 -5.31 -41.40 32.28
CA MET D 72 -4.48 -42.39 31.57
C MET D 72 -3.41 -42.95 32.47
N SER D 73 -3.32 -44.29 32.52
CA SER D 73 -2.25 -44.96 33.24
C SER D 73 -0.94 -44.91 32.43
N VAL D 74 0.14 -44.57 33.11
CA VAL D 74 1.44 -44.43 32.44
C VAL D 74 2.54 -45.15 33.23
N LEU D 75 3.34 -45.95 32.53
CA LEU D 75 4.51 -46.58 33.16
C LEU D 75 5.64 -45.56 33.36
N ARG D 76 6.53 -45.82 34.31
CA ARG D 76 7.53 -44.83 34.68
C ARG D 76 8.45 -44.53 33.49
N GLY D 77 8.63 -45.47 32.59
CA GLY D 77 9.53 -45.26 31.46
C GLY D 77 8.93 -44.40 30.37
N LYS D 78 7.61 -44.24 30.38
CA LYS D 78 6.95 -43.33 29.47
C LYS D 78 6.57 -41.97 30.06
N LEU D 79 6.78 -41.77 31.36
CA LEU D 79 6.35 -40.53 32.00
C LEU D 79 7.00 -39.30 31.33
N GLN D 80 8.27 -39.41 30.98
CA GLN D 80 8.99 -38.28 30.40
C GLN D 80 8.51 -37.99 28.97
N LEU D 81 7.99 -39.00 28.27
CA LEU D 81 7.43 -38.76 26.94
C LEU D 81 6.15 -37.94 27.04
N VAL D 82 5.32 -38.25 28.03
CA VAL D 82 4.14 -37.45 28.32
C VAL D 82 4.51 -35.99 28.63
N GLY D 83 5.55 -35.79 29.44
CA GLY D 83 5.95 -34.46 29.87
C GLY D 83 6.51 -33.66 28.71
N THR D 84 7.24 -34.34 27.82
CA THR D 84 7.87 -33.71 26.68
C THR D 84 6.83 -33.24 25.65
N ALA D 85 5.85 -34.08 25.38
CA ALA D 85 4.78 -33.70 24.46
C ALA D 85 3.90 -32.60 25.08
N ALA D 86 3.73 -32.65 26.39
CA ALA D 86 3.01 -31.61 27.12
C ALA D 86 3.70 -30.25 26.96
N MET D 87 5.04 -30.24 27.04
CA MET D 87 5.84 -29.01 26.97
C MET D 87 5.82 -28.49 25.54
N LEU D 88 5.93 -29.40 24.56
CA LEU D 88 5.88 -29.04 23.15
C LEU D 88 4.53 -28.40 22.82
N LEU D 89 3.45 -28.97 23.37
CA LEU D 89 2.11 -28.47 23.13
C LEU D 89 1.89 -27.12 23.81
N ALA D 90 2.35 -26.97 25.05
CA ALA D 90 2.24 -25.68 25.72
C ALA D 90 3.05 -24.62 24.97
N SER D 91 4.17 -25.03 24.39
CA SER D 91 5.03 -24.11 23.62
C SER D 91 4.30 -23.59 22.37
N LYS D 92 3.69 -24.49 21.61
CA LYS D 92 2.93 -24.10 20.43
C LYS D 92 1.77 -23.17 20.80
N PHE D 93 1.12 -23.43 21.92
CA PHE D 93 0.02 -22.57 22.33
C PHE D 93 0.51 -21.19 22.76
N GLU D 94 1.45 -21.20 23.70
CA GLU D 94 1.92 -19.99 24.38
C GLU D 94 3.03 -19.15 23.68
N GLU D 95 4.01 -19.82 23.09
CA GLU D 95 5.22 -19.16 22.65
C GLU D 95 5.08 -18.52 21.28
N ILE D 96 5.71 -17.36 21.13
CA ILE D 96 5.92 -16.78 19.81
C ILE D 96 6.76 -17.74 18.97
N TYR D 97 7.87 -18.21 19.55
CA TYR D 97 8.80 -19.11 18.87
C TYR D 97 8.92 -20.44 19.62
N PRO D 98 8.06 -21.41 19.28
CA PRO D 98 8.14 -22.75 19.87
C PRO D 98 9.38 -23.51 19.38
N PRO D 99 10.10 -24.19 20.28
CA PRO D 99 11.26 -24.98 19.83
C PRO D 99 10.78 -26.06 18.87
N GLU D 100 11.60 -26.45 17.91
CA GLU D 100 11.18 -27.50 16.99
C GLU D 100 11.24 -28.87 17.66
N VAL D 101 10.54 -29.84 17.10
CA VAL D 101 10.42 -31.17 17.69
C VAL D 101 11.79 -31.81 17.89
N ALA D 102 12.67 -31.66 16.91
CA ALA D 102 14.03 -32.25 16.95
C ALA D 102 14.81 -31.76 18.17
N GLU D 103 14.49 -30.56 18.63
CA GLU D 103 15.12 -30.00 19.83
C GLU D 103 14.58 -30.63 21.10
N PHE D 104 13.28 -30.89 21.14
CA PHE D 104 12.70 -31.61 22.28
C PHE D 104 13.25 -33.03 22.37
N VAL D 105 13.48 -33.65 21.21
CA VAL D 105 14.08 -34.98 21.19
C VAL D 105 15.50 -34.91 21.74
N TYR D 106 16.21 -33.85 21.38
CA TYR D 106 17.60 -33.66 21.82
C TYR D 106 17.68 -33.44 23.33
N ILE D 107 16.70 -32.72 23.89
CA ILE D 107 16.73 -32.37 25.30
C ILE D 107 16.39 -33.58 26.20
N THR D 108 15.85 -34.65 25.62
CA THR D 108 15.70 -35.92 26.35
C THR D 108 16.89 -36.86 26.10
N ASP D 109 17.88 -36.39 25.34
CA ASP D 109 19.07 -37.16 24.99
C ASP D 109 18.73 -38.43 24.19
N ASP D 110 17.81 -38.30 23.26
CA ASP D 110 17.38 -39.41 22.42
C ASP D 110 16.74 -40.54 23.20
N THR D 111 16.19 -40.23 24.38
CA THR D 111 15.43 -41.22 25.12
C THR D 111 14.21 -41.68 24.29
N TYR D 112 13.64 -40.75 23.53
CA TYR D 112 12.53 -41.06 22.63
C TYR D 112 12.80 -40.55 21.21
N SER D 113 12.09 -41.10 20.22
CA SER D 113 12.33 -40.68 18.86
C SER D 113 11.37 -39.55 18.51
N LYS D 114 11.54 -38.99 17.31
CA LYS D 114 10.66 -37.94 16.82
C LYS D 114 9.24 -38.50 16.68
N LYS D 115 9.16 -39.66 16.05
CA LYS D 115 7.89 -40.31 15.80
C LYS D 115 7.13 -40.54 17.10
N GLN D 116 7.84 -40.91 18.17
CA GLN D 116 7.18 -41.11 19.45
C GLN D 116 6.66 -39.80 20.02
N VAL D 117 7.46 -38.74 19.92
CA VAL D 117 7.04 -37.46 20.49
C VAL D 117 5.79 -36.94 19.75
N LEU D 118 5.79 -37.09 18.43
CA LEU D 118 4.66 -36.61 17.63
C LEU D 118 3.41 -37.45 17.88
N ARG D 119 3.61 -38.76 18.06
CA ARG D 119 2.49 -39.63 18.35
C ARG D 119 1.94 -39.32 19.74
N MET D 120 2.82 -39.02 20.70
CA MET D 120 2.35 -38.67 22.03
C MET D 120 1.62 -37.32 22.02
N GLU D 121 2.04 -36.41 21.15
CA GLU D 121 1.37 -35.13 21.00
C GLU D 121 -0.08 -35.38 20.55
N HIS D 122 -0.25 -36.25 19.56
CA HIS D 122 -1.57 -36.63 19.07
C HIS D 122 -2.43 -37.21 20.20
N LEU D 123 -1.87 -38.14 20.98
CA LEU D 123 -2.60 -38.77 22.07
C LEU D 123 -3.01 -37.75 23.13
N VAL D 124 -2.12 -36.83 23.47
CA VAL D 124 -2.41 -35.82 24.49
C VAL D 124 -3.49 -34.87 24.00
N LEU D 125 -3.42 -34.49 22.73
CA LEU D 125 -4.45 -33.65 22.14
C LEU D 125 -5.81 -34.36 22.20
N LYS D 126 -5.81 -35.66 21.90
CA LYS D 126 -7.05 -36.43 21.91
C LYS D 126 -7.61 -36.54 23.34
N VAL D 127 -6.75 -36.81 24.31
CA VAL D 127 -7.21 -37.03 25.67
C VAL D 127 -7.69 -35.72 26.32
N LEU D 128 -7.05 -34.61 26.00
CA LEU D 128 -7.51 -33.31 26.51
C LEU D 128 -8.62 -32.72 25.63
N ALA D 129 -8.90 -33.37 24.50
CA ALA D 129 -9.89 -32.90 23.55
C ALA D 129 -9.56 -31.48 23.07
N PHE D 130 -8.27 -31.21 22.90
CA PHE D 130 -7.79 -29.92 22.44
C PHE D 130 -8.20 -28.76 23.34
N ASP D 131 -8.55 -28.98 24.62
CA ASP D 131 -8.84 -27.79 25.40
C ASP D 131 -7.51 -27.46 26.07
N LEU D 132 -6.79 -26.54 25.43
CA LEU D 132 -5.47 -26.19 25.88
C LEU D 132 -5.40 -24.86 26.63
N ALA D 133 -6.49 -24.09 26.68
CA ALA D 133 -6.29 -22.81 27.28
C ALA D 133 -6.83 -22.90 28.67
N ALA D 134 -5.94 -23.30 29.57
CA ALA D 134 -6.27 -23.49 30.97
C ALA D 134 -5.87 -22.23 31.73
N PRO D 135 -6.66 -21.82 32.72
CA PRO D 135 -6.15 -20.81 33.65
C PRO D 135 -5.00 -21.40 34.46
N THR D 136 -3.98 -20.60 34.78
CA THR D 136 -2.82 -21.06 35.55
C THR D 136 -2.66 -20.13 36.74
N VAL D 137 -1.92 -20.59 37.75
CA VAL D 137 -1.52 -19.74 38.87
C VAL D 137 -0.86 -18.45 38.33
N ASN D 138 -0.09 -18.59 37.26
CA ASN D 138 0.55 -17.44 36.65
C ASN D 138 -0.43 -16.35 36.15
N GLN D 139 -1.50 -16.74 35.46
CA GLN D 139 -2.45 -15.76 34.96
C GLN D 139 -3.15 -15.05 36.11
N PHE D 140 -3.45 -15.76 37.19
CA PHE D 140 -4.09 -15.11 38.34
C PHE D 140 -3.15 -14.15 39.08
N LEU D 141 -1.87 -14.53 39.17
CA LEU D 141 -0.85 -13.66 39.76
C LEU D 141 -0.75 -12.34 39.01
N THR D 142 -0.65 -12.39 37.69
CA THR D 142 -0.44 -11.15 36.93
C THR D 142 -1.62 -10.19 37.11
N GLN D 143 -2.83 -10.74 37.28
CA GLN D 143 -3.97 -9.90 37.57
C GLN D 143 -3.91 -9.31 38.97
N TYR D 144 -3.51 -10.12 39.95
CA TYR D 144 -3.35 -9.63 41.32
C TYR D 144 -2.27 -8.52 41.43
N PHE D 145 -1.24 -8.59 40.60
CA PHE D 145 -0.14 -7.62 40.63
C PHE D 145 -0.63 -6.19 40.33
N LEU D 146 -1.70 -6.09 39.56
CA LEU D 146 -2.24 -4.79 39.19
C LEU D 146 -2.79 -4.03 40.40
N HIS D 147 -2.97 -4.73 41.52
CA HIS D 147 -3.44 -4.09 42.74
C HIS D 147 -2.30 -3.47 43.56
N LEU D 148 -1.07 -3.56 43.07
CA LEU D 148 0.03 -2.83 43.68
C LEU D 148 0.27 -1.54 42.90
N GLN D 149 -0.02 -0.40 43.51
CA GLN D 149 0.35 0.91 42.97
C GLN D 149 1.29 1.66 43.92
N PRO D 150 2.54 1.90 43.50
CA PRO D 150 3.21 1.47 42.27
C PRO D 150 3.62 0.00 42.33
N ALA D 151 3.87 -0.60 41.17
CA ALA D 151 4.26 -2.00 41.11
C ALA D 151 5.48 -2.22 41.98
N ASN D 152 5.48 -3.33 42.70
CA ASN D 152 6.66 -3.75 43.44
C ASN D 152 7.19 -5.01 42.76
N CYS D 153 8.32 -4.86 42.06
CA CYS D 153 8.87 -5.92 41.23
C CYS D 153 9.45 -7.06 42.06
N LYS D 154 9.94 -6.74 43.25
CA LYS D 154 10.53 -7.76 44.11
C LYS D 154 9.40 -8.65 44.63
N VAL D 155 8.29 -8.05 45.02
CA VAL D 155 7.11 -8.80 45.46
C VAL D 155 6.61 -9.67 44.33
N GLU D 156 6.71 -9.18 43.10
CA GLU D 156 6.27 -9.94 41.96
C GLU D 156 7.16 -11.15 41.67
N SER D 157 8.48 -10.97 41.71
CA SER D 157 9.40 -12.08 41.48
C SER D 157 9.24 -13.13 42.58
N LEU D 158 8.99 -12.68 43.81
CA LEU D 158 8.81 -13.60 44.92
C LEU D 158 7.50 -14.37 44.80
N ALA D 159 6.43 -13.70 44.37
CA ALA D 159 5.15 -14.41 44.23
C ALA D 159 5.26 -15.48 43.14
N MET D 160 5.92 -15.16 42.04
CA MET D 160 6.04 -16.11 40.96
CA MET D 160 6.12 -16.07 40.92
C MET D 160 6.93 -17.29 41.34
N PHE D 161 7.93 -17.04 42.17
CA PHE D 161 8.79 -18.12 42.71
C PHE D 161 7.93 -19.07 43.57
N LEU D 162 7.17 -18.50 44.51
CA LEU D 162 6.35 -19.31 45.41
C LEU D 162 5.32 -20.09 44.59
N GLY D 163 4.83 -19.48 43.52
CA GLY D 163 3.82 -20.12 42.70
C GLY D 163 4.39 -21.29 41.92
N GLU D 164 5.65 -21.12 41.51
CA GLU D 164 6.34 -22.13 40.72
C GLU D 164 6.74 -23.34 41.61
N LEU D 165 7.03 -23.09 42.88
CA LEU D 165 7.35 -24.14 43.83
C LEU D 165 6.14 -25.04 44.01
N SER D 166 4.94 -24.46 43.95
CA SER D 166 3.70 -25.25 44.16
C SER D 166 3.53 -26.29 43.06
N LEU D 167 4.10 -26.04 41.89
CA LEU D 167 3.99 -26.98 40.77
C LEU D 167 4.69 -28.31 41.08
N ILE D 168 5.69 -28.28 41.95
CA ILE D 168 6.53 -29.44 42.16
C ILE D 168 5.83 -30.51 43.01
N ASP D 169 5.07 -30.08 44.02
CA ASP D 169 4.49 -31.04 44.95
C ASP D 169 2.98 -31.16 44.80
N ALA D 170 2.56 -32.27 44.18
CA ALA D 170 1.16 -32.54 43.87
C ALA D 170 0.40 -32.69 45.18
N ASP D 171 1.01 -33.36 46.13
CA ASP D 171 0.52 -33.37 47.49
C ASP D 171 1.36 -32.35 48.25
N PRO D 172 0.73 -31.35 48.87
CA PRO D 172 -0.65 -30.86 49.00
C PRO D 172 -1.31 -30.10 47.83
N TYR D 173 -0.57 -29.56 46.87
CA TYR D 173 -1.10 -28.42 46.07
C TYR D 173 -2.21 -28.71 45.05
N LEU D 174 -2.37 -29.97 44.62
CA LEU D 174 -3.50 -30.33 43.75
C LEU D 174 -4.83 -30.09 44.47
N LYS D 175 -4.79 -30.00 45.80
CA LYS D 175 -6.00 -29.69 46.58
C LYS D 175 -6.53 -28.27 46.39
N TYR D 176 -5.70 -27.35 45.90
CA TYR D 176 -6.12 -25.95 45.79
C TYR D 176 -6.28 -25.50 44.34
N LEU D 177 -7.27 -24.65 44.10
CA LEU D 177 -7.45 -24.04 42.77
C LEU D 177 -6.32 -23.05 42.50
N PRO D 178 -5.94 -22.89 41.21
CA PRO D 178 -4.88 -21.92 40.86
C PRO D 178 -5.12 -20.53 41.47
N SER D 179 -6.36 -20.06 41.52
CA SER D 179 -6.63 -18.70 42.00
C SER D 179 -6.31 -18.53 43.49
N LEU D 180 -6.52 -19.59 44.25
CA LEU D 180 -6.28 -19.60 45.69
C LEU D 180 -4.79 -19.76 46.01
N ILE D 181 -4.11 -20.63 45.27
CA ILE D 181 -2.65 -20.72 45.35
C ILE D 181 -2.04 -19.35 45.04
N ALA D 182 -2.54 -18.68 44.00
CA ALA D 182 -2.04 -17.37 43.61
C ALA D 182 -2.30 -16.33 44.70
N GLY D 183 -3.42 -16.48 45.41
CA GLY D 183 -3.75 -15.58 46.50
C GLY D 183 -2.79 -15.74 47.66
N ALA D 184 -2.49 -16.98 48.04
CA ALA D 184 -1.59 -17.24 49.14
C ALA D 184 -0.13 -16.85 48.78
N ALA D 185 0.30 -17.15 47.56
CA ALA D 185 1.63 -16.79 47.10
C ALA D 185 1.81 -15.26 47.04
N PHE D 186 0.75 -14.56 46.67
CA PHE D 186 0.78 -13.10 46.56
C PHE D 186 0.88 -12.48 47.95
N HIS D 187 0.01 -12.91 48.86
CA HIS D 187 0.05 -12.41 50.22
C HIS D 187 1.38 -12.75 50.90
N LEU D 188 1.86 -13.96 50.68
CA LEU D 188 3.10 -14.39 51.33
C LEU D 188 4.29 -13.60 50.80
N ALA D 189 4.30 -13.34 49.49
CA ALA D 189 5.37 -12.57 48.86
C ALA D 189 5.35 -11.12 49.35
N LEU D 190 4.15 -10.56 49.49
CA LEU D 190 3.95 -9.18 49.91
C LEU D 190 4.32 -9.00 51.38
N TYR D 191 3.94 -9.97 52.22
CA TYR D 191 4.23 -9.89 53.64
C TYR D 191 5.73 -9.99 53.85
N THR D 192 6.37 -10.89 53.12
CA THR D 192 7.82 -11.07 53.22
C THR D 192 8.56 -9.79 52.84
N VAL D 193 8.24 -9.22 51.68
CA VAL D 193 8.96 -8.05 51.19
C VAL D 193 8.60 -6.70 51.87
N THR D 194 7.31 -6.37 51.91
CA THR D 194 6.87 -5.12 52.54
C THR D 194 6.30 -5.26 53.94
N GLY D 195 6.18 -6.47 54.45
CA GLY D 195 5.49 -6.68 55.72
C GLY D 195 4.00 -6.36 55.70
N GLN D 196 3.45 -6.10 54.52
CA GLN D 196 2.02 -5.82 54.41
C GLN D 196 1.20 -7.06 54.06
N SER D 197 -0.12 -6.89 53.97
CA SER D 197 -1.02 -8.03 53.88
C SER D 197 -1.99 -7.95 52.71
N TRP D 198 -2.66 -9.08 52.45
CA TRP D 198 -3.54 -9.26 51.30
C TRP D 198 -4.54 -8.10 51.26
N PRO D 199 -4.54 -7.33 50.16
CA PRO D 199 -5.34 -6.10 50.11
C PRO D 199 -6.85 -6.34 50.06
N GLU D 200 -7.59 -5.48 50.76
CA GLU D 200 -9.05 -5.55 50.79
C GLU D 200 -9.63 -5.53 49.39
N SER D 201 -8.97 -4.82 48.47
CA SER D 201 -9.47 -4.74 47.10
C SER D 201 -9.41 -6.10 46.41
N LEU D 202 -8.38 -6.89 46.73
CA LEU D 202 -8.29 -8.24 46.18
C LEU D 202 -9.28 -9.18 46.88
N ALA D 203 -9.54 -8.95 48.16
CA ALA D 203 -10.49 -9.77 48.91
C ALA D 203 -11.89 -9.59 48.34
N GLN D 204 -12.20 -8.38 47.89
CA GLN D 204 -13.50 -8.11 47.30
C GLN D 204 -13.58 -8.70 45.90
N GLN D 205 -12.53 -8.51 45.10
CA GLN D 205 -12.54 -9.01 43.73
C GLN D 205 -12.59 -10.54 43.67
N THR D 206 -11.70 -11.20 44.43
CA THR D 206 -11.59 -12.66 44.42
C THR D 206 -12.62 -13.38 45.30
N GLY D 207 -13.09 -12.71 46.36
CA GLY D 207 -13.96 -13.36 47.32
C GLY D 207 -13.21 -14.09 48.42
N TYR D 208 -11.89 -14.14 48.33
CA TYR D 208 -11.08 -14.75 49.37
C TYR D 208 -10.69 -13.73 50.43
N THR D 209 -11.11 -13.97 51.67
CA THR D 209 -10.56 -13.24 52.82
C THR D 209 -9.20 -13.82 53.17
N LEU D 210 -8.38 -13.05 53.88
CA LEU D 210 -7.10 -13.56 54.36
C LEU D 210 -7.34 -14.90 55.05
N GLU D 211 -8.40 -14.96 55.86
CA GLU D 211 -8.78 -16.18 56.56
C GLU D 211 -8.91 -17.41 55.65
N SER D 212 -9.54 -17.23 54.49
CA SER D 212 -9.76 -18.35 53.56
C SER D 212 -8.48 -18.75 52.83
N LEU D 213 -7.46 -17.89 52.86
CA LEU D 213 -6.17 -18.25 52.27
C LEU D 213 -5.33 -19.08 53.25
N LYS D 214 -5.77 -19.17 54.51
CA LYS D 214 -4.91 -19.69 55.59
C LYS D 214 -4.43 -21.13 55.40
N PRO D 215 -5.33 -22.05 55.04
CA PRO D 215 -4.87 -23.44 54.86
C PRO D 215 -3.77 -23.56 53.81
N CYS D 216 -3.97 -22.92 52.66
CA CYS D 216 -3.00 -22.98 51.59
C CYS D 216 -1.75 -22.19 51.97
N LEU D 217 -1.95 -21.19 52.81
CA LEU D 217 -0.88 -20.28 53.19
C LEU D 217 0.09 -20.97 54.16
N VAL D 218 -0.46 -21.79 55.07
CA VAL D 218 0.36 -22.55 55.99
C VAL D 218 1.24 -23.51 55.20
N ASP D 219 0.63 -24.24 54.26
CA ASP D 219 1.36 -25.14 53.38
C ASP D 219 2.47 -24.43 52.62
N LEU D 220 2.13 -23.28 52.05
CA LEU D 220 3.05 -22.56 51.18
C LEU D 220 4.21 -21.99 51.98
N HIS D 221 3.91 -21.53 53.18
CA HIS D 221 4.93 -21.04 54.11
C HIS D 221 5.95 -22.16 54.46
N GLN D 222 5.45 -23.35 54.76
CA GLN D 222 6.30 -24.50 55.06
C GLN D 222 7.19 -24.86 53.87
N THR D 223 6.58 -24.92 52.68
CA THR D 223 7.32 -25.22 51.46
C THR D 223 8.45 -24.21 51.29
N TYR D 224 8.18 -22.96 51.65
CA TYR D 224 9.11 -21.86 51.48
C TYR D 224 10.30 -22.03 52.44
N LEU D 225 9.97 -22.34 53.70
CA LEU D 225 10.99 -22.59 54.73
C LEU D 225 11.90 -23.76 54.36
N LYS D 226 11.32 -24.81 53.79
CA LYS D 226 12.05 -26.05 53.53
C LYS D 226 12.65 -26.12 52.14
N ALA D 227 12.52 -25.04 51.37
CA ALA D 227 12.94 -25.04 49.97
C ALA D 227 14.42 -25.41 49.75
N PRO D 228 15.31 -24.89 50.61
CA PRO D 228 16.74 -25.23 50.44
C PRO D 228 17.03 -26.73 50.68
N GLN D 229 16.20 -27.38 51.48
CA GLN D 229 16.33 -28.82 51.75
C GLN D 229 15.70 -29.74 50.67
N HIS D 230 14.70 -29.24 49.95
CA HIS D 230 13.90 -30.05 49.03
C HIS D 230 14.83 -30.73 48.02
N ALA D 231 14.48 -31.94 47.59
CA ALA D 231 15.33 -32.69 46.67
C ALA D 231 15.43 -32.06 45.26
N GLN D 232 14.37 -31.36 44.84
CA GLN D 232 14.34 -30.65 43.57
C GLN D 232 14.74 -29.19 43.75
N GLN D 233 15.88 -28.82 43.16
CA GLN D 233 16.41 -27.46 43.27
C GLN D 233 16.29 -26.47 42.09
N SER D 234 15.77 -26.89 40.95
CA SER D 234 15.88 -26.08 39.72
C SER D 234 15.18 -24.71 39.81
N ILE D 235 14.10 -24.63 40.58
CA ILE D 235 13.39 -23.37 40.73
C ILE D 235 14.21 -22.38 41.59
N ARG D 236 14.83 -22.86 42.66
CA ARG D 236 15.67 -21.98 43.46
C ARG D 236 16.82 -21.44 42.61
N GLU D 237 17.48 -22.32 41.87
CA GLU D 237 18.59 -21.91 41.02
C GLU D 237 18.13 -20.85 40.03
N LYS D 238 16.92 -21.03 39.49
CA LYS D 238 16.39 -20.14 38.48
C LYS D 238 16.12 -18.73 39.06
N TYR D 239 15.65 -18.68 40.29
CA TYR D 239 15.23 -17.43 40.92
C TYR D 239 16.33 -16.79 41.78
N LYS D 240 17.53 -17.37 41.74
CA LYS D 240 18.73 -16.72 42.28
C LYS D 240 19.20 -15.60 41.36
N HIS D 241 18.82 -15.69 40.09
CA HIS D 241 19.28 -14.78 39.05
C HIS D 241 18.78 -13.34 39.32
N SER D 242 19.50 -12.36 38.78
CA SER D 242 19.21 -10.96 39.08
C SER D 242 17.92 -10.47 38.42
N LYS D 243 17.60 -11.00 37.24
CA LYS D 243 16.31 -10.72 36.59
C LYS D 243 15.11 -11.03 37.49
N TYR D 244 15.27 -11.96 38.42
CA TYR D 244 14.27 -12.26 39.45
C TYR D 244 14.55 -11.59 40.79
N HIS D 245 15.53 -10.69 40.80
CA HIS D 245 15.92 -9.96 42.01
C HIS D 245 16.44 -10.93 43.05
N SER D 246 16.95 -12.07 42.60
CA SER D 246 17.52 -13.09 43.46
C SER D 246 16.63 -13.37 44.66
N VAL D 247 15.31 -13.43 44.43
CA VAL D 247 14.36 -13.58 45.54
C VAL D 247 14.47 -14.91 46.26
N SER D 248 15.00 -15.94 45.60
CA SER D 248 15.13 -17.23 46.24
C SER D 248 16.21 -17.18 47.34
N LEU D 249 17.01 -16.11 47.35
CA LEU D 249 18.00 -15.91 48.40
C LEU D 249 17.44 -15.15 49.61
N LEU D 250 16.22 -14.62 49.51
CA LEU D 250 15.61 -13.93 50.65
C LEU D 250 15.21 -14.94 51.72
N ASN D 251 15.45 -14.58 52.98
CA ASN D 251 15.00 -15.39 54.11
C ASN D 251 13.49 -15.30 54.31
N PRO D 252 12.80 -16.44 54.39
CA PRO D 252 11.37 -16.38 54.66
C PRO D 252 11.09 -15.88 56.07
N PRO D 253 9.90 -15.30 56.29
CA PRO D 253 9.54 -14.89 57.65
C PRO D 253 9.45 -16.11 58.53
N GLU D 254 9.70 -15.99 59.83
CA GLU D 254 9.62 -17.12 60.73
C GLU D 254 8.18 -17.47 61.09
N THR D 255 7.33 -16.45 61.25
CA THR D 255 5.94 -16.70 61.54
C THR D 255 5.06 -15.77 60.73
N LEU D 256 3.76 -16.07 60.69
CA LEU D 256 2.81 -15.25 59.94
C LEU D 256 1.85 -14.51 60.88
N SER D 257 1.38 -13.35 60.44
CA SER D 257 0.42 -12.55 61.20
C SER D 257 -0.77 -12.15 60.33
PB ADP E . -5.81 30.00 -18.30
O1B ADP E . -6.07 31.23 -17.44
O2B ADP E . -5.14 28.88 -17.56
O3B ADP E . -6.99 29.59 -19.16
PA ADP E . -4.92 31.21 -20.78
O1A ADP E . -5.97 30.48 -21.57
O2A ADP E . -3.56 31.38 -21.43
O3A ADP E . -4.67 30.46 -19.36
O5' ADP E . -5.48 32.66 -20.31
C5' ADP E . -6.88 32.91 -20.14
C4' ADP E . -7.31 33.84 -21.27
O4' ADP E . -6.87 35.20 -21.28
C3' ADP E . -7.77 33.37 -22.65
O3' ADP E . -9.08 32.80 -22.63
C2' ADP E . -7.70 34.65 -23.46
O2' ADP E . -9.02 35.16 -23.69
C1' ADP E . -6.88 35.64 -22.65
N9 ADP E . -5.53 35.60 -23.25
C8 ADP E . -4.54 34.72 -22.95
N7 ADP E . -3.45 34.95 -23.72
C5 ADP E . -3.75 35.97 -24.54
C6 ADP E . -3.04 36.72 -25.61
N6 ADP E . -1.78 36.37 -25.94
N1 ADP E . -3.71 37.73 -26.22
C2 ADP E . -4.97 38.07 -25.87
N3 ADP E . -5.66 37.43 -24.92
C4 ADP E . -5.12 36.40 -24.23
MG MG F . -7.44 28.91 -21.30
C1 GOL G . 7.86 42.77 -23.01
O1 GOL G . 7.72 44.00 -23.69
C2 GOL G . 9.22 42.14 -23.30
O2 GOL G . 9.67 41.43 -22.16
C3 GOL G . 9.12 41.17 -24.48
O3 GOL G . 9.44 41.83 -25.68
C1 GOL H . 32.26 3.44 -9.52
O1 GOL H . 31.89 3.78 -8.18
C2 GOL H . 33.04 4.56 -10.22
O2 GOL H . 32.69 5.83 -9.69
C3 GOL H . 32.75 4.58 -11.73
O3 GOL H . 33.43 3.54 -12.40
C1 GOL I . 24.05 9.34 -0.67
O1 GOL I . 23.21 8.37 -0.05
C2 GOL I . 23.16 10.26 -1.50
O2 GOL I . 23.10 11.53 -0.90
C3 GOL I . 23.69 10.38 -2.92
O3 GOL I . 24.73 11.34 -2.95
PB ADP J . -7.70 -19.67 5.74
O1B ADP J . -7.66 -20.47 4.46
O2B ADP J . -6.59 -20.04 6.70
O3B ADP J . -7.86 -18.17 5.53
PA ADP J . -10.46 -19.35 6.54
O1A ADP J . -10.26 -17.85 6.47
O2A ADP J . -11.26 -19.88 7.72
O3A ADP J . -9.06 -20.16 6.49
O5' ADP J . -11.26 -19.81 5.21
C5' ADP J . -10.84 -19.44 3.89
C4' ADP J . -12.06 -19.06 3.05
O4' ADP J . -13.00 -20.13 3.00
C3' ADP J . -12.78 -17.83 3.60
O3' ADP J . -12.40 -16.63 2.93
C2' ADP J . -14.25 -18.12 3.38
O2' ADP J . -14.76 -17.39 2.25
C1' ADP J . -14.33 -19.62 3.16
N9 ADP J . -14.99 -20.15 4.38
C8 ADP J . -14.37 -20.53 5.52
N7 ADP J . -15.27 -20.95 6.43
C5 ADP J . -16.50 -20.83 5.88
C6 ADP J . -17.89 -21.08 6.30
N6 ADP J . -18.17 -21.56 7.53
N1 ADP J . -18.88 -20.83 5.41
C2 ADP J . -18.63 -20.34 4.19
N3 ADP J . -17.39 -20.08 3.75
C4 ADP J . -16.30 -20.30 4.53
MG MG K . -8.92 -16.24 6.08
C1 GOL L . -20.97 -33.30 10.36
O1 GOL L . -22.28 -32.86 10.07
C2 GOL L . -20.53 -32.98 11.79
O2 GOL L . -19.60 -33.94 12.23
C3 GOL L . -21.71 -32.96 12.77
O3 GOL L . -22.47 -31.78 12.62
C1 GOL M . 4.63 5.32 -0.18
O1 GOL M . 3.83 6.24 0.55
C2 GOL M . 6.11 5.68 -0.04
O2 GOL M . 6.28 6.45 1.13
C3 GOL M . 6.98 4.43 0.05
O3 GOL M . 6.38 3.33 -0.60
C1 GOL N . 8.73 -34.63 48.11
O1 GOL N . 7.63 -33.83 48.51
C2 GOL N . 8.69 -34.97 46.62
O2 GOL N . 7.64 -35.89 46.36
C3 GOL N . 10.00 -35.59 46.14
O3 GOL N . 11.08 -34.69 46.26
C1 GOL O . 14.08 -38.74 34.18
O1 GOL O . 14.53 -38.57 35.51
C2 GOL O . 13.90 -37.37 33.53
O2 GOL O . 15.06 -36.58 33.79
C3 GOL O . 12.66 -36.67 34.08
O3 GOL O . 11.67 -37.62 34.40
C1 GOL P . 20.26 -25.01 22.51
O1 GOL P . 19.92 -25.40 23.83
C2 GOL P . 19.59 -23.69 22.17
O2 GOL P . 20.09 -23.23 20.92
C3 GOL P . 19.81 -22.67 23.28
O3 GOL P . 20.38 -23.25 24.43
#